data_2IUY
#
_entry.id   2IUY
#
_cell.length_a   47.521
_cell.length_b   73.829
_cell.length_c   92.173
_cell.angle_alpha   90.00
_cell.angle_beta   90.65
_cell.angle_gamma   90.00
#
_symmetry.space_group_name_H-M   'P 1 21 1'
#
loop_
_entity.id
_entity.type
_entity.pdbx_description
1 polymer GLYCOSYLTRANSFERASE
2 non-polymer '2-(N-MORPHOLINO)-ETHANESULFONIC ACID'
3 non-polymer 'SULFATE ION'
4 water water
#
_entity_poly.entity_id   1
_entity_poly.type   'polypeptide(L)'
_entity_poly.pdbx_seq_one_letter_code
;(MSE)RPLKVALVNIPLRVPGSDAWISVPPQGYGGIQWVVANL(MSE)DGLLELGHEVFLLGAPGSPAGRPGLTVVPAGE
PEEIERWLRTADVDVVHDHSGGVIGPAGLPPGTAFISSHHFTTRPVNPVGCTYSSRAQRAHCGGGDDAPVIPIPVDPARY
RSAADQVAKEDFLLF(MSE)GRVSPHKGALEAAAFAHACGRRLVLAGPAWEPEYFDEITRRYGSTVEPIGEVGGERRLDL
LASAHAVLA(MSE)SQAVTGPWGGIWCEPGATVVSEAAVSGTPVVGTGNGCLAEIVPSVGEVVGYGTDFAPDEARRTLAG
LPASDEVRRAAVRLWGHVTIAERYVEQYRRLLAGATWK
;
_entity_poly.pdbx_strand_id   A,B
#
loop_
_chem_comp.id
_chem_comp.type
_chem_comp.name
_chem_comp.formula
MES non-polymer '2-(N-MORPHOLINO)-ETHANESULFONIC ACID' 'C6 H13 N O4 S'
SO4 non-polymer 'SULFATE ION' 'O4 S -2'
#
# COMPACT_ATOMS: atom_id res chain seq x y z
N PRO A 3 -28.31 10.43 -22.99
CA PRO A 3 -27.22 9.43 -22.94
C PRO A 3 -25.90 10.13 -22.68
N LEU A 4 -25.19 9.62 -21.67
CA LEU A 4 -23.95 10.25 -21.20
C LEU A 4 -22.81 9.57 -21.91
N LYS A 5 -21.76 10.37 -22.13
CA LYS A 5 -20.46 9.84 -22.54
C LYS A 5 -19.61 9.80 -21.29
N VAL A 6 -19.20 8.60 -20.90
CA VAL A 6 -18.51 8.40 -19.60
C VAL A 6 -17.11 7.87 -19.88
N ALA A 7 -16.11 8.61 -19.42
CA ALA A 7 -14.73 8.14 -19.45
C ALA A 7 -14.48 7.43 -18.13
N LEU A 8 -14.24 6.11 -18.21
CA LEU A 8 -13.99 5.25 -17.04
C LEU A 8 -12.52 5.00 -17.00
N VAL A 9 -11.85 5.40 -15.91
CA VAL A 9 -10.39 5.33 -15.86
C VAL A 9 -10.07 4.21 -14.94
N ASN A 10 -9.59 3.13 -15.55
CA ASN A 10 -9.08 1.99 -14.82
C ASN A 10 -7.74 2.36 -14.27
N ILE A 11 -7.34 1.65 -13.22
CA ILE A 11 -6.01 1.79 -12.59
C ILE A 11 -4.97 1.21 -13.55
N PRO A 12 -4.07 2.07 -14.10
CA PRO A 12 -3.05 1.59 -15.10
C PRO A 12 -1.91 0.76 -14.46
N LEU A 13 -1.89 -0.54 -14.74
CA LEU A 13 -0.97 -1.45 -14.15
C LEU A 13 -0.52 -2.43 -15.20
N ARG A 14 0.78 -2.74 -15.21
CA ARG A 14 1.25 -3.73 -16.18
C ARG A 14 1.12 -5.13 -15.65
N VAL A 15 0.92 -6.07 -16.56
CA VAL A 15 0.97 -7.49 -16.23
C VAL A 15 2.32 -7.73 -15.56
N PRO A 16 2.30 -8.39 -14.38
CA PRO A 16 3.56 -8.48 -13.67
C PRO A 16 4.69 -9.11 -14.50
N GLY A 17 5.81 -8.43 -14.60
CA GLY A 17 6.95 -8.95 -15.36
C GLY A 17 6.91 -8.64 -16.83
N SER A 18 5.89 -7.87 -17.25
CA SER A 18 5.60 -7.68 -18.70
C SER A 18 5.41 -6.19 -19.07
N ASP A 19 5.52 -5.87 -20.35
CA ASP A 19 5.17 -4.51 -20.82
C ASP A 19 3.67 -4.29 -21.09
N ALA A 20 2.90 -5.38 -21.19
CA ALA A 20 1.46 -5.32 -21.47
C ALA A 20 0.71 -4.72 -20.28
N TRP A 21 -0.41 -4.06 -20.56
CA TRP A 21 -1.29 -3.48 -19.55
C TRP A 21 -2.29 -4.55 -19.16
N ILE A 22 -2.65 -4.59 -17.89
CA ILE A 22 -3.70 -5.50 -17.45
C ILE A 22 -4.99 -5.03 -18.11
N SER A 23 -5.81 -5.96 -18.57
CA SER A 23 -7.06 -5.59 -19.24
C SER A 23 -8.26 -5.48 -18.28
N VAL A 24 -9.37 -5.01 -18.83
CA VAL A 24 -10.63 -5.02 -18.14
C VAL A 24 -11.60 -5.80 -18.98
N PRO A 25 -12.12 -6.92 -18.48
CA PRO A 25 -11.80 -7.55 -17.21
C PRO A 25 -10.39 -8.15 -17.29
N PRO A 26 -9.76 -8.38 -16.13
CA PRO A 26 -8.37 -8.73 -16.20
C PRO A 26 -8.17 -10.20 -16.57
N GLN A 27 -7.01 -10.50 -17.15
CA GLN A 27 -6.66 -11.90 -17.49
C GLN A 27 -6.41 -12.71 -16.19
N GLY A 28 -5.78 -12.10 -15.21
CA GLY A 28 -5.48 -12.80 -13.96
C GLY A 28 -6.03 -12.08 -12.74
N TYR A 29 -5.17 -11.83 -11.75
CA TYR A 29 -5.61 -11.22 -10.52
C TYR A 29 -5.78 -9.69 -10.72
N GLY A 30 -6.88 -9.16 -10.19
CA GLY A 30 -7.06 -7.72 -10.15
C GLY A 30 -8.49 -7.35 -9.86
N GLY A 31 -8.75 -7.06 -8.59
CA GLY A 31 -10.03 -6.60 -8.10
C GLY A 31 -10.60 -5.35 -8.73
N ILE A 32 -9.85 -4.24 -8.79
CA ILE A 32 -10.36 -3.00 -9.42
C ILE A 32 -10.85 -3.14 -10.87
N GLN A 33 -10.13 -3.99 -11.61
CA GLN A 33 -10.35 -4.22 -13.02
C GLN A 33 -11.67 -4.98 -13.22
N TRP A 34 -11.97 -5.91 -12.32
CA TRP A 34 -13.27 -6.55 -12.26
C TRP A 34 -14.37 -5.54 -11.92
N VAL A 35 -14.12 -4.67 -10.97
CA VAL A 35 -15.13 -3.62 -10.63
C VAL A 35 -15.50 -2.84 -11.88
N VAL A 36 -14.50 -2.38 -12.60
CA VAL A 36 -14.69 -1.51 -13.78
C VAL A 36 -15.45 -2.25 -14.88
N ALA A 37 -15.13 -3.54 -15.10
CA ALA A 37 -15.84 -4.39 -16.05
C ALA A 37 -17.34 -4.49 -15.73
N ASN A 38 -17.67 -4.74 -14.47
CA ASN A 38 -19.03 -4.93 -14.02
C ASN A 38 -19.81 -3.60 -14.05
N LEU A 39 -19.13 -2.55 -13.62
CA LEU A 39 -19.64 -1.16 -13.74
C LEU A 39 -19.96 -0.79 -15.19
N MSE A 40 -18.99 -1.03 -16.05
CA MSE A 40 -19.08 -0.73 -17.46
C MSE A 40 -20.27 -1.42 -18.14
O MSE A 40 -20.93 -0.84 -18.99
CB MSE A 40 -17.76 -1.17 -18.09
CG MSE A 40 -17.74 -1.24 -19.58
SE MSE A 40 -15.97 -1.92 -20.09
CE MSE A 40 -16.32 -3.86 -19.88
N ASP A 41 -20.52 -2.68 -17.78
CA ASP A 41 -21.62 -3.47 -18.32
C ASP A 41 -22.93 -2.80 -17.95
N GLY A 42 -23.04 -2.39 -16.68
CA GLY A 42 -24.25 -1.63 -16.21
C GLY A 42 -24.54 -0.37 -17.04
N LEU A 43 -23.51 0.48 -17.20
CA LEU A 43 -23.60 1.75 -17.89
C LEU A 43 -24.01 1.57 -19.36
N LEU A 44 -23.38 0.61 -20.04
CA LEU A 44 -23.69 0.23 -21.41
C LEU A 44 -25.12 -0.30 -21.52
N GLU A 45 -25.57 -1.12 -20.55
CA GLU A 45 -26.92 -1.66 -20.60
C GLU A 45 -27.93 -0.54 -20.44
N LEU A 46 -27.55 0.47 -19.65
CA LEU A 46 -28.40 1.67 -19.49
C LEU A 46 -28.43 2.61 -20.68
N GLY A 47 -27.59 2.40 -21.68
CA GLY A 47 -27.64 3.21 -22.92
C GLY A 47 -26.57 4.29 -23.03
N HIS A 48 -25.69 4.37 -22.02
CA HIS A 48 -24.55 5.33 -22.02
C HIS A 48 -23.34 4.87 -22.80
N GLU A 49 -22.55 5.84 -23.28
CA GLU A 49 -21.40 5.52 -24.07
C GLU A 49 -20.18 5.46 -23.13
N VAL A 50 -19.34 4.43 -23.23
CA VAL A 50 -18.21 4.23 -22.31
C VAL A 50 -16.87 4.28 -23.07
N PHE A 51 -15.96 5.14 -22.61
CA PHE A 51 -14.61 5.28 -23.11
C PHE A 51 -13.76 4.73 -21.96
N LEU A 52 -13.09 3.60 -22.20
CA LEU A 52 -12.33 2.92 -21.18
C LEU A 52 -10.90 3.36 -21.37
N LEU A 53 -10.30 3.85 -20.28
CA LEU A 53 -8.95 4.36 -20.26
C LEU A 53 -8.20 3.53 -19.23
N GLY A 54 -6.87 3.45 -19.44
CA GLY A 54 -5.96 2.78 -18.56
C GLY A 54 -6.05 1.29 -18.71
N ALA A 55 -6.55 0.81 -19.85
CA ALA A 55 -6.67 -0.65 -20.11
C ALA A 55 -6.65 -1.01 -21.63
N PRO A 56 -5.59 -0.58 -22.35
CA PRO A 56 -5.55 -0.79 -23.80
C PRO A 56 -5.47 -2.30 -24.14
N GLY A 57 -5.98 -2.74 -25.28
CA GLY A 57 -5.96 -4.21 -25.49
C GLY A 57 -7.05 -4.98 -24.78
N SER A 58 -7.90 -4.29 -23.98
CA SER A 58 -9.10 -4.92 -23.36
C SER A 58 -10.06 -5.33 -24.49
N PRO A 59 -10.91 -6.37 -24.28
CA PRO A 59 -11.88 -6.70 -25.39
C PRO A 59 -12.77 -5.47 -25.71
N ALA A 60 -13.02 -5.23 -27.00
CA ALA A 60 -13.59 -3.92 -27.40
C ALA A 60 -14.95 -3.98 -28.13
N GLY A 61 -15.48 -5.19 -28.29
CA GLY A 61 -16.72 -5.45 -29.05
C GLY A 61 -18.04 -4.74 -28.71
N ARG A 62 -18.46 -4.77 -27.45
CA ARG A 62 -19.72 -4.17 -26.99
C ARG A 62 -20.00 -2.84 -27.75
N PRO A 63 -21.23 -2.68 -28.29
CA PRO A 63 -21.54 -1.37 -28.86
C PRO A 63 -21.74 -0.36 -27.73
N GLY A 64 -21.33 0.88 -27.99
CA GLY A 64 -21.27 1.88 -26.95
C GLY A 64 -19.92 1.91 -26.25
N LEU A 65 -19.09 0.89 -26.44
CA LEU A 65 -17.78 0.82 -25.79
C LEU A 65 -16.63 1.19 -26.74
N THR A 66 -15.80 2.13 -26.31
CA THR A 66 -14.57 2.44 -27.01
C THR A 66 -13.41 2.20 -26.06
N VAL A 67 -12.49 1.29 -26.45
CA VAL A 67 -11.23 1.09 -25.72
C VAL A 67 -10.19 2.06 -26.23
N VAL A 68 -9.88 3.05 -25.40
CA VAL A 68 -8.93 4.13 -25.73
C VAL A 68 -7.50 3.61 -25.60
N PRO A 69 -6.70 3.77 -26.65
CA PRO A 69 -5.30 3.31 -26.59
C PRO A 69 -4.38 4.17 -25.69
N ALA A 70 -4.76 4.30 -24.41
CA ALA A 70 -3.97 5.08 -23.45
C ALA A 70 -3.83 4.24 -22.21
N GLY A 71 -2.58 3.88 -21.96
CA GLY A 71 -2.18 3.05 -20.85
C GLY A 71 -1.60 3.91 -19.78
N GLU A 72 -0.50 4.63 -20.05
CA GLU A 72 0.12 5.33 -18.94
C GLU A 72 -0.59 6.61 -18.56
N PRO A 73 -0.39 7.06 -17.29
CA PRO A 73 -1.02 8.25 -16.74
C PRO A 73 -0.95 9.45 -17.68
N GLU A 74 0.22 9.72 -18.27
CA GLU A 74 0.42 10.92 -19.11
C GLU A 74 -0.43 10.88 -20.37
N GLU A 75 -0.54 9.70 -20.97
CA GLU A 75 -1.39 9.47 -22.16
C GLU A 75 -2.86 9.60 -21.82
N ILE A 76 -3.23 9.11 -20.63
CA ILE A 76 -4.60 9.23 -20.15
C ILE A 76 -4.91 10.73 -19.92
N GLU A 77 -4.01 11.48 -19.29
CA GLU A 77 -4.23 12.94 -19.09
C GLU A 77 -4.33 13.71 -20.38
N ARG A 78 -3.48 13.36 -21.33
CA ARG A 78 -3.45 14.02 -22.61
C ARG A 78 -4.78 13.85 -23.31
N TRP A 79 -5.31 12.62 -23.28
CA TRP A 79 -6.59 12.24 -23.91
C TRP A 79 -7.79 12.94 -23.28
N LEU A 80 -7.84 12.93 -21.94
CA LEU A 80 -8.89 13.59 -21.15
C LEU A 80 -8.99 15.12 -21.38
N ARG A 81 -7.84 15.77 -21.61
CA ARG A 81 -7.82 17.21 -21.84
C ARG A 81 -8.63 17.65 -23.07
N THR A 82 -8.67 16.81 -24.09
CA THR A 82 -9.34 17.18 -25.35
C THR A 82 -10.63 16.39 -25.62
N ALA A 83 -10.95 15.47 -24.70
CA ALA A 83 -12.08 14.55 -24.85
C ALA A 83 -13.38 15.31 -24.74
N ASP A 84 -14.30 14.95 -25.63
CA ASP A 84 -15.66 15.35 -25.50
C ASP A 84 -16.46 14.30 -24.69
N VAL A 85 -16.30 14.26 -23.37
CA VAL A 85 -17.14 13.34 -22.56
C VAL A 85 -17.87 14.13 -21.51
N ASP A 86 -18.95 13.61 -20.95
CA ASP A 86 -19.67 14.36 -19.95
C ASP A 86 -19.08 14.18 -18.53
N VAL A 87 -18.44 13.04 -18.32
CA VAL A 87 -18.07 12.55 -16.99
C VAL A 87 -16.75 11.80 -17.13
N VAL A 88 -15.82 12.13 -16.25
CA VAL A 88 -14.64 11.30 -16.03
C VAL A 88 -14.78 10.64 -14.67
N HIS A 89 -14.85 9.31 -14.68
CA HIS A 89 -15.05 8.52 -13.49
C HIS A 89 -13.80 7.69 -13.24
N ASP A 90 -13.01 8.17 -12.26
CA ASP A 90 -11.73 7.65 -11.88
C ASP A 90 -11.84 6.48 -10.91
N HIS A 91 -11.20 5.36 -11.29
CA HIS A 91 -11.04 4.21 -10.42
C HIS A 91 -9.59 3.97 -10.06
N SER A 92 -8.67 4.83 -10.52
CA SER A 92 -7.23 4.62 -10.35
C SER A 92 -6.65 5.05 -8.98
N GLY A 93 -7.46 5.66 -8.12
CA GLY A 93 -6.97 6.27 -6.89
C GLY A 93 -6.25 7.57 -7.14
N GLY A 94 -6.59 8.26 -8.21
CA GLY A 94 -6.06 9.57 -8.40
C GLY A 94 -4.77 9.69 -9.17
N VAL A 95 -4.49 8.71 -10.02
CA VAL A 95 -3.47 8.83 -11.07
C VAL A 95 -3.81 10.02 -12.00
N ILE A 96 -5.10 10.30 -12.15
CA ILE A 96 -5.50 11.53 -12.85
C ILE A 96 -6.39 12.38 -11.90
N GLY A 97 -6.71 13.61 -12.26
CA GLY A 97 -7.46 14.49 -11.37
C GLY A 97 -8.33 15.39 -12.19
N PRO A 98 -9.13 16.25 -11.55
CA PRO A 98 -9.99 17.18 -12.30
C PRO A 98 -9.28 18.30 -13.11
N ALA A 99 -8.03 18.64 -12.79
CA ALA A 99 -7.38 19.80 -13.42
C ALA A 99 -7.15 19.52 -14.89
N GLY A 100 -7.51 20.46 -15.74
CA GLY A 100 -7.22 20.28 -17.16
C GLY A 100 -8.34 19.71 -17.99
N LEU A 101 -9.38 19.21 -17.34
CA LEU A 101 -10.56 18.72 -18.04
C LEU A 101 -11.29 19.91 -18.70
N PRO A 102 -11.96 19.66 -19.84
CA PRO A 102 -12.64 20.73 -20.56
C PRO A 102 -13.81 21.26 -19.74
N PRO A 103 -14.18 22.55 -19.95
CA PRO A 103 -15.29 23.08 -19.16
C PRO A 103 -16.51 22.23 -19.40
N GLY A 104 -17.28 21.96 -18.36
CA GLY A 104 -18.50 21.20 -18.52
C GLY A 104 -18.31 19.74 -18.14
N THR A 105 -17.07 19.29 -18.05
CA THR A 105 -16.83 17.88 -17.75
C THR A 105 -16.85 17.65 -16.23
N ALA A 106 -17.73 16.75 -15.77
CA ALA A 106 -17.80 16.38 -14.35
C ALA A 106 -16.69 15.39 -14.00
N PHE A 107 -16.17 15.51 -12.79
CA PHE A 107 -15.18 14.56 -12.30
C PHE A 107 -15.73 13.81 -11.07
N ILE A 108 -15.68 12.49 -11.15
CA ILE A 108 -16.13 11.62 -10.05
C ILE A 108 -15.13 10.49 -9.86
N SER A 109 -15.01 10.01 -8.62
CA SER A 109 -14.11 8.85 -8.34
C SER A 109 -14.85 7.74 -7.63
N SER A 110 -14.45 6.49 -7.86
CA SER A 110 -14.76 5.39 -6.91
C SER A 110 -13.44 5.08 -6.20
N HIS A 111 -13.43 5.28 -4.90
CA HIS A 111 -12.29 4.92 -4.07
C HIS A 111 -12.24 3.43 -3.72
N HIS A 112 -11.16 2.79 -4.13
CA HIS A 112 -10.95 1.36 -3.89
C HIS A 112 -9.83 1.07 -2.87
N PHE A 113 -9.48 2.06 -2.06
CA PHE A 113 -8.28 1.88 -1.18
C PHE A 113 -8.58 2.16 0.30
N THR A 114 -7.80 1.52 1.20
CA THR A 114 -7.89 1.77 2.64
C THR A 114 -7.33 3.16 3.02
N THR A 115 -6.56 3.72 2.11
CA THR A 115 -5.85 4.99 2.30
C THR A 115 -6.77 6.17 1.95
N ARG A 116 -6.41 7.36 2.41
CA ARG A 116 -7.30 8.50 2.13
C ARG A 116 -7.09 8.99 0.70
N PRO A 117 -8.20 9.32 -0.02
CA PRO A 117 -8.11 9.62 -1.46
C PRO A 117 -7.30 10.85 -1.85
N VAL A 118 -6.61 10.76 -2.97
CA VAL A 118 -5.98 11.92 -3.61
C VAL A 118 -6.98 13.07 -3.91
N ASN A 119 -8.16 12.68 -4.41
CA ASN A 119 -9.24 13.55 -4.88
C ASN A 119 -10.51 13.31 -4.06
N PRO A 120 -10.56 13.84 -2.81
CA PRO A 120 -11.79 13.73 -2.01
C PRO A 120 -13.04 14.37 -2.56
N VAL A 121 -12.90 15.40 -3.40
CA VAL A 121 -14.06 16.09 -3.90
C VAL A 121 -14.62 15.26 -5.05
N GLY A 122 -15.91 14.95 -4.95
CA GLY A 122 -16.57 14.10 -5.93
C GLY A 122 -16.18 12.63 -5.76
N CYS A 123 -15.61 12.27 -4.60
CA CYS A 123 -15.29 10.87 -4.28
C CYS A 123 -16.51 10.09 -3.74
N THR A 124 -16.66 8.83 -4.19
CA THR A 124 -17.63 7.88 -3.62
C THR A 124 -16.87 6.74 -2.95
N TYR A 125 -17.52 6.07 -2.01
CA TYR A 125 -16.88 4.99 -1.25
C TYR A 125 -17.68 3.72 -1.41
N SER A 126 -17.02 2.55 -1.39
CA SER A 126 -17.81 1.31 -1.55
C SER A 126 -18.49 0.86 -0.26
N SER A 127 -18.09 1.45 0.87
CA SER A 127 -18.74 1.12 2.14
C SER A 127 -18.74 2.31 3.11
N ARG A 128 -19.67 2.29 4.06
CA ARG A 128 -19.63 3.25 5.19
C ARG A 128 -18.33 3.18 6.01
N ALA A 129 -17.84 1.97 6.31
CA ALA A 129 -16.59 1.80 7.08
C ALA A 129 -15.43 2.45 6.36
N GLN A 130 -15.32 2.22 5.05
CA GLN A 130 -14.29 2.88 4.25
C GLN A 130 -14.48 4.40 4.26
N ARG A 131 -15.66 4.87 3.92
CA ARG A 131 -15.91 6.33 3.92
C ARG A 131 -15.44 6.99 5.24
N ALA A 132 -15.83 6.43 6.38
CA ALA A 132 -15.43 6.89 7.72
C ALA A 132 -13.87 6.90 7.92
N HIS A 133 -13.25 5.76 7.58
CA HIS A 133 -11.87 5.50 7.69
C HIS A 133 -11.05 6.46 6.80
N CYS A 134 -11.59 6.79 5.62
CA CYS A 134 -10.88 7.65 4.68
C CYS A 134 -11.14 9.12 4.92
N GLY A 135 -11.94 9.45 5.93
CA GLY A 135 -12.26 10.87 6.18
C GLY A 135 -13.30 11.47 5.25
N GLY A 136 -14.11 10.64 4.58
CA GLY A 136 -15.17 11.15 3.68
C GLY A 136 -16.31 11.73 4.47
N GLY A 137 -16.88 12.83 3.96
CA GLY A 137 -17.99 13.52 4.66
C GLY A 137 -19.30 12.78 4.52
N ASP A 138 -20.31 13.18 5.30
CA ASP A 138 -21.59 12.49 5.29
C ASP A 138 -22.37 12.63 4.00
N ASP A 139 -22.05 13.66 3.22
CA ASP A 139 -22.67 13.85 1.92
C ASP A 139 -21.95 13.11 0.74
N ALA A 140 -20.83 12.42 1.03
CA ALA A 140 -20.20 11.51 0.02
C ALA A 140 -21.00 10.20 -0.14
N PRO A 141 -21.35 9.87 -1.39
CA PRO A 141 -22.14 8.66 -1.61
C PRO A 141 -21.36 7.39 -1.28
N VAL A 142 -22.09 6.42 -0.77
CA VAL A 142 -21.59 5.11 -0.56
C VAL A 142 -22.31 4.21 -1.55
N ILE A 143 -21.53 3.59 -2.44
CA ILE A 143 -22.11 2.79 -3.49
C ILE A 143 -21.25 1.54 -3.58
N PRO A 144 -21.82 0.37 -3.22
CA PRO A 144 -20.97 -0.83 -3.10
C PRO A 144 -20.57 -1.37 -4.46
N ILE A 145 -19.66 -2.36 -4.45
CA ILE A 145 -19.14 -2.98 -5.68
C ILE A 145 -20.26 -3.72 -6.42
N PRO A 146 -20.38 -3.44 -7.74
CA PRO A 146 -21.38 -4.07 -8.60
C PRO A 146 -20.90 -5.41 -9.13
N VAL A 147 -21.86 -6.24 -9.50
CA VAL A 147 -21.56 -7.48 -10.13
C VAL A 147 -22.59 -7.69 -11.26
N ASP A 148 -22.11 -8.08 -12.45
CA ASP A 148 -22.97 -8.46 -13.57
C ASP A 148 -23.11 -9.97 -13.59
N PRO A 149 -24.33 -10.46 -13.28
CA PRO A 149 -24.55 -11.90 -13.26
C PRO A 149 -24.17 -12.60 -14.56
N ALA A 150 -24.26 -11.91 -15.71
CA ALA A 150 -23.88 -12.52 -17.01
C ALA A 150 -22.42 -12.90 -17.03
N ARG A 151 -21.60 -12.27 -16.21
CA ARG A 151 -20.17 -12.59 -16.18
C ARG A 151 -19.87 -13.79 -15.30
N TYR A 152 -20.87 -14.26 -14.56
CA TYR A 152 -20.69 -15.34 -13.59
C TYR A 152 -21.55 -16.54 -13.91
N ARG A 153 -21.24 -17.65 -13.27
CA ARG A 153 -22.03 -18.85 -13.44
C ARG A 153 -23.41 -18.65 -12.83
N SER A 154 -24.39 -19.19 -13.55
CA SER A 154 -25.77 -19.04 -13.23
C SER A 154 -26.32 -20.32 -12.66
N ALA A 155 -27.54 -20.26 -12.14
CA ALA A 155 -28.22 -21.47 -11.65
C ALA A 155 -28.36 -22.52 -12.78
N ALA A 156 -28.65 -22.05 -13.99
CA ALA A 156 -28.81 -22.89 -15.18
C ALA A 156 -27.52 -23.61 -15.64
N ASP A 157 -26.35 -23.00 -15.38
CA ASP A 157 -25.05 -23.68 -15.62
C ASP A 157 -24.87 -24.96 -14.80
N GLN A 158 -25.61 -25.08 -13.71
CA GLN A 158 -25.59 -26.33 -12.93
C GLN A 158 -24.19 -26.81 -12.58
N VAL A 159 -23.34 -25.87 -12.15
CA VAL A 159 -22.02 -26.22 -11.59
C VAL A 159 -22.18 -27.10 -10.33
N ALA A 160 -21.58 -28.29 -10.34
CA ALA A 160 -21.70 -29.21 -9.20
C ALA A 160 -20.95 -28.67 -7.97
N LYS A 161 -21.59 -28.66 -6.81
CA LYS A 161 -20.98 -28.17 -5.57
C LYS A 161 -19.88 -29.12 -5.12
N GLU A 162 -18.73 -28.56 -4.74
CA GLU A 162 -17.65 -29.37 -4.20
C GLU A 162 -17.58 -29.18 -2.68
N ASP A 163 -16.67 -29.88 -2.04
CA ASP A 163 -16.64 -29.86 -0.58
C ASP A 163 -15.64 -28.88 -0.06
N PHE A 164 -14.85 -28.31 -0.97
CA PHE A 164 -13.74 -27.42 -0.60
C PHE A 164 -14.26 -26.02 -0.20
N LEU A 165 -13.60 -25.37 0.77
CA LEU A 165 -13.78 -23.91 1.04
C LEU A 165 -12.82 -23.14 0.12
N LEU A 166 -13.03 -21.85 -0.07
CA LEU A 166 -12.28 -21.16 -1.11
C LEU A 166 -11.79 -19.81 -0.62
N PHE A 167 -10.48 -19.56 -0.77
CA PHE A 167 -9.96 -18.26 -0.49
C PHE A 167 -9.48 -17.72 -1.84
N MSE A 168 -9.93 -16.52 -2.20
CA MSE A 168 -9.58 -15.96 -3.49
C MSE A 168 -9.13 -14.51 -3.35
O MSE A 168 -9.94 -13.59 -3.14
CB MSE A 168 -10.76 -16.09 -4.48
CG MSE A 168 -10.38 -15.55 -5.84
SE MSE A 168 -11.69 -15.90 -7.16
CE MSE A 168 -11.18 -17.75 -7.53
N GLY A 169 -7.82 -14.32 -3.43
CA GLY A 169 -7.20 -13.00 -3.37
C GLY A 169 -5.69 -13.16 -3.19
N ARG A 170 -5.02 -12.06 -2.90
CA ARG A 170 -3.57 -12.12 -2.62
C ARG A 170 -3.34 -12.81 -1.26
N VAL A 171 -2.39 -13.73 -1.23
CA VAL A 171 -2.06 -14.46 0.00
C VAL A 171 -1.13 -13.54 0.80
N SER A 172 -1.74 -12.65 1.58
CA SER A 172 -1.08 -11.60 2.37
C SER A 172 -1.75 -11.53 3.70
N PRO A 173 -1.02 -11.12 4.75
CA PRO A 173 -1.55 -11.16 6.11
C PRO A 173 -2.84 -10.36 6.35
N HIS A 174 -2.94 -9.14 5.80
CA HIS A 174 -4.13 -8.33 6.00
C HIS A 174 -5.38 -8.94 5.28
N LYS A 175 -5.16 -9.87 4.33
CA LYS A 175 -6.27 -10.54 3.64
C LYS A 175 -6.73 -11.80 4.39
N GLY A 176 -5.94 -12.23 5.37
CA GLY A 176 -6.38 -13.26 6.30
C GLY A 176 -6.35 -14.67 5.70
N ALA A 177 -5.40 -14.94 4.81
CA ALA A 177 -5.22 -16.29 4.25
C ALA A 177 -4.99 -17.32 5.35
N LEU A 178 -4.18 -16.93 6.33
CA LEU A 178 -3.81 -17.80 7.45
C LEU A 178 -5.01 -18.13 8.31
N GLU A 179 -5.76 -17.10 8.63
CA GLU A 179 -7.02 -17.27 9.38
C GLU A 179 -8.09 -18.06 8.64
N ALA A 180 -8.16 -17.93 7.34
CA ALA A 180 -9.02 -18.76 6.51
C ALA A 180 -8.54 -20.23 6.56
N ALA A 181 -7.23 -20.45 6.56
CA ALA A 181 -6.71 -21.85 6.72
C ALA A 181 -7.19 -22.40 8.07
N ALA A 182 -7.06 -21.59 9.14
CA ALA A 182 -7.50 -21.98 10.48
C ALA A 182 -9.01 -22.29 10.50
N PHE A 183 -9.80 -21.48 9.83
CA PHE A 183 -11.24 -21.71 9.89
C PHE A 183 -11.62 -23.03 9.15
N ALA A 184 -11.04 -23.21 7.96
CA ALA A 184 -11.20 -24.45 7.21
C ALA A 184 -10.73 -25.64 8.05
N HIS A 185 -9.50 -25.58 8.56
CA HIS A 185 -9.02 -26.58 9.53
C HIS A 185 -10.05 -26.93 10.66
N ALA A 186 -10.60 -25.90 11.29
CA ALA A 186 -11.62 -26.03 12.32
C ALA A 186 -12.82 -26.87 11.84
N CYS A 187 -13.15 -26.73 10.56
CA CYS A 187 -14.36 -27.30 9.97
C CYS A 187 -14.10 -28.70 9.44
N GLY A 188 -12.83 -29.12 9.38
CA GLY A 188 -12.42 -30.39 8.77
C GLY A 188 -12.44 -30.32 7.25
N ARG A 189 -12.28 -29.09 6.72
CA ARG A 189 -12.35 -28.93 5.27
C ARG A 189 -11.06 -28.57 4.59
N ARG A 190 -11.04 -28.82 3.29
CA ARG A 190 -9.99 -28.31 2.43
C ARG A 190 -10.24 -26.82 2.12
N LEU A 191 -9.15 -26.08 1.97
CA LEU A 191 -9.14 -24.71 1.56
C LEU A 191 -8.25 -24.59 0.31
N VAL A 192 -8.90 -24.31 -0.81
CA VAL A 192 -8.21 -23.83 -2.00
C VAL A 192 -7.77 -22.36 -1.83
N LEU A 193 -6.47 -22.14 -1.97
CA LEU A 193 -5.90 -20.83 -1.94
C LEU A 193 -5.63 -20.39 -3.35
N ALA A 194 -6.59 -19.65 -3.90
CA ALA A 194 -6.55 -19.18 -5.26
C ALA A 194 -6.22 -17.68 -5.39
N GLY A 195 -4.97 -17.39 -5.66
CA GLY A 195 -4.51 -16.03 -5.91
C GLY A 195 -3.00 -16.01 -5.79
N PRO A 196 -2.38 -14.83 -6.08
CA PRO A 196 -0.94 -14.72 -6.03
C PRO A 196 -0.43 -14.83 -4.58
N ALA A 197 0.54 -15.72 -4.39
CA ALA A 197 1.15 -15.96 -3.08
C ALA A 197 2.59 -15.53 -3.25
N TRP A 198 2.82 -14.24 -3.15
CA TRP A 198 4.13 -13.66 -3.42
C TRP A 198 4.97 -13.41 -2.15
N GLU A 199 4.37 -13.61 -0.97
CA GLU A 199 5.04 -13.36 0.33
C GLU A 199 5.44 -14.69 0.92
N PRO A 200 6.72 -15.09 0.69
CA PRO A 200 7.17 -16.48 0.87
C PRO A 200 7.17 -16.90 2.32
N GLU A 201 7.60 -16.03 3.25
CA GLU A 201 7.60 -16.37 4.69
C GLU A 201 6.16 -16.58 5.20
N TYR A 202 5.26 -15.68 4.79
CA TYR A 202 3.82 -15.83 5.09
C TYR A 202 3.25 -17.15 4.52
N PHE A 203 3.40 -17.35 3.22
CA PHE A 203 2.99 -18.61 2.54
C PHE A 203 3.56 -19.82 3.28
N ASP A 204 4.86 -19.77 3.62
CA ASP A 204 5.52 -20.86 4.35
C ASP A 204 4.94 -21.17 5.74
N GLU A 205 4.50 -20.13 6.44
CA GLU A 205 3.86 -20.26 7.75
C GLU A 205 2.50 -20.98 7.66
N ILE A 206 1.73 -20.60 6.63
CA ILE A 206 0.45 -21.25 6.36
C ILE A 206 0.66 -22.74 6.03
N THR A 207 1.69 -23.04 5.24
CA THR A 207 1.89 -24.43 4.83
C THR A 207 2.39 -25.26 6.03
N ARG A 208 3.26 -24.66 6.83
CA ARG A 208 3.70 -25.25 8.10
C ARG A 208 2.54 -25.57 9.06
N ARG A 209 1.70 -24.58 9.30
CA ARG A 209 0.65 -24.69 10.30
C ARG A 209 -0.58 -25.45 9.82
N TYR A 210 -0.91 -25.29 8.52
CA TYR A 210 -2.15 -25.83 7.94
C TYR A 210 -1.95 -26.52 6.60
N GLY A 211 -0.77 -27.10 6.38
CA GLY A 211 -0.48 -27.78 5.10
C GLY A 211 -1.54 -28.78 4.61
N SER A 212 -2.03 -29.59 5.53
CA SER A 212 -2.95 -30.67 5.19
C SER A 212 -4.34 -30.11 4.88
N THR A 213 -4.55 -28.86 5.25
CA THR A 213 -5.79 -28.14 4.95
C THR A 213 -5.73 -27.41 3.62
N VAL A 214 -4.62 -26.69 3.37
CA VAL A 214 -4.56 -25.78 2.26
C VAL A 214 -4.12 -26.45 0.96
N GLU A 215 -4.76 -26.03 -0.14
CA GLU A 215 -4.27 -26.38 -1.47
C GLU A 215 -4.04 -25.08 -2.21
N PRO A 216 -2.77 -24.62 -2.24
CA PRO A 216 -2.41 -23.38 -2.92
C PRO A 216 -2.26 -23.63 -4.41
N ILE A 217 -3.00 -22.90 -5.22
CA ILE A 217 -3.01 -23.14 -6.67
C ILE A 217 -2.44 -21.98 -7.47
N GLY A 218 -2.15 -20.89 -6.76
CA GLY A 218 -1.58 -19.71 -7.36
C GLY A 218 -2.66 -18.89 -8.05
N GLU A 219 -2.21 -17.86 -8.80
CA GLU A 219 -3.10 -16.92 -9.45
C GLU A 219 -4.07 -17.68 -10.36
N VAL A 220 -5.34 -17.31 -10.29
CA VAL A 220 -6.34 -17.90 -11.18
C VAL A 220 -7.02 -16.80 -12.01
N GLY A 221 -7.74 -17.21 -13.03
CA GLY A 221 -8.41 -16.27 -13.91
C GLY A 221 -9.26 -17.01 -14.92
N GLY A 222 -9.90 -16.23 -15.77
CA GLY A 222 -10.66 -16.80 -16.88
C GLY A 222 -11.75 -17.73 -16.41
N GLU A 223 -11.88 -18.86 -17.11
CA GLU A 223 -12.91 -19.84 -16.84
C GLU A 223 -12.74 -20.66 -15.55
N ARG A 224 -11.52 -20.95 -15.14
CA ARG A 224 -11.35 -21.71 -13.88
C ARG A 224 -11.80 -20.88 -12.68
N ARG A 225 -11.43 -19.63 -12.66
CA ARG A 225 -11.85 -18.67 -11.66
C ARG A 225 -13.38 -18.68 -11.35
N LEU A 226 -14.16 -18.67 -12.43
CA LEU A 226 -15.61 -18.71 -12.39
C LEU A 226 -16.17 -20.00 -11.86
N ASP A 227 -15.62 -21.13 -12.34
CA ASP A 227 -16.02 -22.43 -11.81
C ASP A 227 -15.70 -22.57 -10.32
N LEU A 228 -14.51 -22.12 -9.90
CA LEU A 228 -14.13 -22.18 -8.47
C LEU A 228 -15.11 -21.40 -7.61
N LEU A 229 -15.43 -20.19 -8.06
CA LEU A 229 -16.38 -19.32 -7.36
C LEU A 229 -17.74 -19.99 -7.12
N ALA A 230 -18.20 -20.68 -8.15
CA ALA A 230 -19.51 -21.38 -8.20
C ALA A 230 -19.49 -22.76 -7.45
N SER A 231 -18.41 -23.50 -7.59
CA SER A 231 -18.34 -24.87 -7.10
C SER A 231 -17.97 -24.90 -5.61
N ALA A 232 -17.40 -23.82 -5.09
CA ALA A 232 -16.95 -23.87 -3.69
C ALA A 232 -18.09 -24.10 -2.73
N HIS A 233 -17.85 -24.84 -1.65
CA HIS A 233 -18.84 -24.90 -0.57
C HIS A 233 -19.12 -23.49 0.04
N ALA A 234 -18.05 -22.71 0.27
CA ALA A 234 -18.20 -21.37 0.79
C ALA A 234 -16.94 -20.64 0.46
N VAL A 235 -17.03 -19.31 0.43
CA VAL A 235 -15.85 -18.46 0.24
C VAL A 235 -15.54 -17.83 1.60
N LEU A 236 -14.27 -17.69 1.89
CA LEU A 236 -13.79 -17.14 3.15
C LEU A 236 -13.11 -15.81 2.83
N ALA A 237 -13.70 -14.73 3.34
CA ALA A 237 -13.17 -13.38 3.16
C ALA A 237 -12.75 -12.89 4.53
N MSE A 238 -11.47 -13.04 4.84
CA MSE A 238 -11.00 -13.00 6.26
C MSE A 238 -10.05 -11.88 6.53
O MSE A 238 -9.12 -12.04 7.30
CB MSE A 238 -10.32 -14.33 6.60
CG MSE A 238 -11.16 -15.58 6.30
SE MSE A 238 -12.77 -15.72 7.33
CE MSE A 238 -11.94 -16.23 9.08
N SER A 239 -10.31 -10.71 5.93
CA SER A 239 -9.46 -9.56 6.07
C SER A 239 -9.27 -9.27 7.56
N GLN A 240 -8.05 -8.88 7.93
CA GLN A 240 -7.66 -8.74 9.33
C GLN A 240 -7.32 -7.29 9.62
N ALA A 241 -7.63 -6.84 10.82
CA ALA A 241 -7.31 -5.48 11.18
C ALA A 241 -5.84 -5.36 11.65
N VAL A 242 -4.94 -5.31 10.68
CA VAL A 242 -3.52 -5.25 10.97
C VAL A 242 -3.00 -4.03 10.24
N THR A 243 -1.78 -3.59 10.54
CA THR A 243 -1.17 -2.54 9.74
C THR A 243 -0.17 -3.09 8.75
N GLY A 244 0.47 -2.16 8.05
CA GLY A 244 1.25 -2.49 6.87
C GLY A 244 1.76 -1.25 6.20
N PRO A 245 2.36 -1.41 5.02
CA PRO A 245 2.93 -0.28 4.24
C PRO A 245 1.89 0.75 3.75
N TRP A 246 0.58 0.46 3.80
CA TRP A 246 -0.43 1.48 3.52
C TRP A 246 -0.45 2.59 4.56
N GLY A 247 -0.01 2.29 5.80
CA GLY A 247 -0.27 3.19 6.92
C GLY A 247 -1.64 2.99 7.59
N GLY A 248 -1.66 2.89 8.93
CA GLY A 248 -2.87 2.73 9.71
C GLY A 248 -3.40 1.32 9.68
N ILE A 249 -4.54 1.10 10.32
CA ILE A 249 -5.15 -0.22 10.35
C ILE A 249 -5.82 -0.49 9.01
N TRP A 250 -5.59 -1.70 8.50
CA TRP A 250 -6.28 -2.18 7.31
C TRP A 250 -7.84 -2.13 7.51
N CYS A 251 -8.51 -1.61 6.50
CA CYS A 251 -9.98 -1.52 6.51
C CYS A 251 -10.45 -1.91 5.10
N GLU A 252 -11.00 -3.13 4.95
CA GLU A 252 -11.33 -3.67 3.60
C GLU A 252 -12.28 -2.68 2.92
N PRO A 253 -11.85 -2.05 1.80
CA PRO A 253 -12.78 -1.06 1.17
C PRO A 253 -14.14 -1.56 0.67
N GLY A 254 -14.12 -2.66 -0.11
CA GLY A 254 -15.30 -3.15 -0.78
C GLY A 254 -15.41 -4.65 -1.04
N ALA A 255 -14.28 -5.36 -1.05
CA ALA A 255 -14.26 -6.83 -1.09
C ALA A 255 -15.11 -7.42 -2.23
N THR A 256 -14.61 -7.24 -3.43
CA THR A 256 -15.27 -7.67 -4.63
C THR A 256 -15.60 -9.19 -4.57
N VAL A 257 -14.75 -9.98 -3.92
CA VAL A 257 -14.97 -11.44 -3.86
C VAL A 257 -16.30 -11.81 -3.21
N VAL A 258 -16.82 -10.94 -2.34
CA VAL A 258 -18.11 -11.20 -1.67
C VAL A 258 -19.27 -11.24 -2.69
N SER A 259 -19.37 -10.19 -3.52
CA SER A 259 -20.42 -10.10 -4.53
C SER A 259 -20.24 -11.16 -5.59
N GLU A 260 -18.98 -11.46 -5.92
CA GLU A 260 -18.60 -12.50 -6.90
C GLU A 260 -19.01 -13.90 -6.45
N ALA A 261 -18.66 -14.27 -5.22
CA ALA A 261 -19.10 -15.55 -4.69
C ALA A 261 -20.60 -15.66 -4.72
N ALA A 262 -21.30 -14.67 -4.17
CA ALA A 262 -22.73 -14.80 -3.96
C ALA A 262 -23.50 -14.83 -5.27
N VAL A 263 -23.16 -13.97 -6.20
CA VAL A 263 -23.82 -14.01 -7.52
C VAL A 263 -23.50 -15.33 -8.25
N SER A 264 -22.42 -16.01 -7.85
CA SER A 264 -22.12 -17.34 -8.42
C SER A 264 -22.81 -18.44 -7.60
N GLY A 265 -23.69 -18.04 -6.68
CA GLY A 265 -24.43 -19.00 -5.83
C GLY A 265 -23.66 -19.56 -4.64
N THR A 266 -22.72 -18.78 -4.10
CA THR A 266 -21.81 -19.26 -3.05
C THR A 266 -21.82 -18.33 -1.83
N PRO A 267 -22.15 -18.89 -0.66
CA PRO A 267 -22.25 -18.08 0.55
C PRO A 267 -20.84 -17.73 1.05
N VAL A 268 -20.77 -16.85 2.03
CA VAL A 268 -19.49 -16.26 2.44
C VAL A 268 -19.38 -16.33 3.94
N VAL A 269 -18.25 -16.82 4.42
CA VAL A 269 -17.87 -16.55 5.82
C VAL A 269 -16.82 -15.44 5.80
N GLY A 270 -17.01 -14.38 6.57
CA GLY A 270 -15.98 -13.37 6.68
C GLY A 270 -15.81 -12.83 8.10
N THR A 271 -14.76 -12.05 8.29
CA THR A 271 -14.62 -11.22 9.46
C THR A 271 -15.53 -9.99 9.31
N GLY A 272 -15.53 -9.10 10.31
CA GLY A 272 -16.26 -7.85 10.27
C GLY A 272 -15.40 -6.68 9.84
N ASN A 273 -14.22 -6.97 9.30
CA ASN A 273 -13.29 -5.94 8.86
C ASN A 273 -13.82 -5.02 7.77
N GLY A 274 -13.74 -3.70 8.02
CA GLY A 274 -14.07 -2.72 6.97
C GLY A 274 -15.47 -2.96 6.41
N CYS A 275 -15.57 -3.05 5.10
CA CYS A 275 -16.86 -3.29 4.42
C CYS A 275 -17.49 -4.64 4.75
N LEU A 276 -16.70 -5.61 5.21
CA LEU A 276 -17.24 -6.95 5.45
C LEU A 276 -18.41 -7.01 6.44
N ALA A 277 -18.33 -6.22 7.50
CA ALA A 277 -19.44 -6.09 8.45
C ALA A 277 -20.79 -5.74 7.75
N GLU A 278 -20.70 -5.03 6.64
CA GLU A 278 -21.88 -4.47 5.93
C GLU A 278 -22.47 -5.42 4.92
N ILE A 279 -21.61 -6.21 4.28
CA ILE A 279 -22.03 -7.03 3.14
C ILE A 279 -22.09 -8.51 3.38
N VAL A 280 -21.20 -9.03 4.23
CA VAL A 280 -21.15 -10.47 4.53
C VAL A 280 -22.44 -11.03 5.12
N PRO A 281 -23.08 -10.32 6.08
CA PRO A 281 -24.30 -10.86 6.68
C PRO A 281 -25.43 -11.03 5.66
N SER A 282 -25.39 -10.27 4.59
CA SER A 282 -26.43 -10.40 3.55
C SER A 282 -26.33 -11.73 2.81
N VAL A 283 -25.15 -12.33 2.81
CA VAL A 283 -24.87 -13.55 2.03
C VAL A 283 -24.13 -14.66 2.84
N GLY A 284 -24.17 -14.57 4.16
CA GLY A 284 -23.49 -15.55 5.00
C GLY A 284 -23.36 -15.03 6.42
N GLU A 285 -22.19 -15.20 7.00
CA GLU A 285 -22.03 -14.96 8.42
C GLU A 285 -20.65 -14.40 8.70
N VAL A 286 -20.64 -13.43 9.61
CA VAL A 286 -19.43 -12.83 10.17
C VAL A 286 -18.87 -13.68 11.33
N VAL A 287 -17.57 -13.85 11.34
CA VAL A 287 -16.88 -14.48 12.46
C VAL A 287 -15.77 -13.55 13.00
N GLY A 288 -15.22 -13.93 14.15
CA GLY A 288 -14.12 -13.24 14.72
C GLY A 288 -12.79 -13.22 13.98
N TYR A 289 -11.97 -12.27 14.42
CA TYR A 289 -10.59 -12.16 14.04
C TYR A 289 -9.74 -13.28 14.63
N GLY A 290 -8.53 -13.45 14.11
CA GLY A 290 -7.59 -14.46 14.64
C GLY A 290 -7.86 -15.85 14.08
N THR A 291 -7.17 -16.83 14.66
CA THR A 291 -7.15 -18.25 14.24
C THR A 291 -7.82 -19.22 15.25
N ASP A 292 -8.40 -18.71 16.32
CA ASP A 292 -8.83 -19.60 17.39
C ASP A 292 -10.33 -19.87 17.22
N PHE A 293 -10.65 -20.83 16.36
CA PHE A 293 -12.04 -21.14 16.06
C PHE A 293 -12.40 -22.44 16.74
N ALA A 294 -13.39 -22.41 17.63
CA ALA A 294 -13.97 -23.66 18.17
C ALA A 294 -14.56 -24.46 17.01
N PRO A 295 -14.09 -25.73 16.82
CA PRO A 295 -14.63 -26.56 15.74
C PRO A 295 -16.19 -26.68 15.70
N ASP A 296 -16.82 -26.91 16.86
CA ASP A 296 -18.30 -27.03 16.93
C ASP A 296 -19.00 -25.83 16.34
N GLU A 297 -18.66 -24.64 16.85
CA GLU A 297 -19.08 -23.34 16.31
C GLU A 297 -18.79 -23.18 14.80
N ALA A 298 -17.56 -23.45 14.38
CA ALA A 298 -17.14 -23.23 13.00
C ALA A 298 -18.00 -24.03 12.06
N ARG A 299 -18.10 -25.31 12.39
CA ARG A 299 -18.71 -26.33 11.59
C ARG A 299 -20.21 -26.01 11.45
N ARG A 300 -20.80 -25.49 12.52
CA ARG A 300 -22.16 -24.99 12.52
C ARG A 300 -22.39 -23.71 11.77
N THR A 301 -21.49 -22.76 11.95
CA THR A 301 -21.43 -21.55 11.12
C THR A 301 -21.47 -21.98 9.66
N LEU A 302 -20.65 -22.93 9.29
CA LEU A 302 -20.57 -23.37 7.89
C LEU A 302 -21.82 -24.06 7.43
N ALA A 303 -22.32 -24.99 8.25
CA ALA A 303 -23.50 -25.76 7.85
C ALA A 303 -24.82 -24.93 7.89
N GLY A 304 -24.85 -23.83 8.64
CA GLY A 304 -26.02 -22.92 8.62
C GLY A 304 -26.06 -21.82 7.54
N LEU A 305 -25.05 -21.78 6.65
CA LEU A 305 -24.99 -20.67 5.65
C LEU A 305 -26.18 -20.79 4.68
N PRO A 306 -26.60 -19.66 4.08
CA PRO A 306 -27.68 -19.65 3.07
C PRO A 306 -27.32 -20.47 1.84
N ALA A 307 -28.35 -20.91 1.13
CA ALA A 307 -28.17 -21.69 -0.06
C ALA A 307 -27.97 -20.78 -1.28
N SER A 308 -27.63 -21.40 -2.42
CA SER A 308 -27.34 -20.69 -3.69
C SER A 308 -28.37 -19.66 -4.14
N ASP A 309 -29.63 -20.04 -4.09
CA ASP A 309 -30.72 -19.19 -4.59
C ASP A 309 -30.82 -17.89 -3.80
N GLU A 310 -30.73 -18.01 -2.49
CA GLU A 310 -30.76 -16.92 -1.56
C GLU A 310 -29.59 -15.93 -1.75
N VAL A 311 -28.37 -16.45 -1.86
CA VAL A 311 -27.20 -15.55 -2.02
C VAL A 311 -27.16 -14.89 -3.39
N ARG A 312 -27.58 -15.61 -4.43
CA ARG A 312 -27.66 -15.00 -5.76
C ARG A 312 -28.69 -13.87 -5.83
N ARG A 313 -29.80 -13.85 -5.49
CA ARG A 313 -30.96 -13.03 -5.18
C ARG A 313 -30.54 -11.78 -4.43
N ALA A 314 -29.98 -12.09 -3.17
CA ALA A 314 -29.36 -11.00 -2.42
C ALA A 314 -28.31 -10.23 -3.20
N ALA A 315 -27.42 -10.94 -3.91
CA ALA A 315 -26.36 -10.26 -4.65
C ALA A 315 -26.92 -9.39 -5.78
N VAL A 316 -27.91 -9.90 -6.49
CA VAL A 316 -28.48 -9.12 -7.60
C VAL A 316 -29.24 -7.91 -7.03
N ARG A 317 -30.13 -8.13 -6.03
CA ARG A 317 -30.87 -7.03 -5.39
C ARG A 317 -29.99 -5.88 -4.86
N LEU A 318 -28.88 -6.21 -4.20
CA LEU A 318 -28.00 -5.20 -3.56
C LEU A 318 -26.88 -4.70 -4.43
N TRP A 319 -26.31 -5.61 -5.24
CA TRP A 319 -25.09 -5.28 -5.94
C TRP A 319 -25.25 -5.43 -7.45
N GLY A 320 -26.47 -5.70 -7.96
CA GLY A 320 -26.60 -5.95 -9.40
C GLY A 320 -26.01 -4.82 -10.25
N HIS A 321 -25.35 -5.17 -11.34
CA HIS A 321 -24.69 -4.14 -12.17
C HIS A 321 -25.55 -2.94 -12.61
N VAL A 322 -26.82 -3.17 -12.91
CA VAL A 322 -27.69 -2.12 -13.46
C VAL A 322 -28.16 -1.20 -12.33
N THR A 323 -28.52 -1.80 -11.20
CA THR A 323 -28.86 -1.02 -10.01
C THR A 323 -27.71 -0.12 -9.54
N ILE A 324 -26.50 -0.66 -9.51
CA ILE A 324 -25.32 0.11 -9.10
C ILE A 324 -24.94 1.14 -10.16
N ALA A 325 -24.97 0.76 -11.43
CA ALA A 325 -24.72 1.74 -12.49
C ALA A 325 -25.71 2.92 -12.42
N GLU A 326 -26.98 2.66 -12.17
CA GLU A 326 -27.95 3.76 -12.14
C GLU A 326 -27.73 4.64 -10.92
N ARG A 327 -27.26 4.05 -9.82
CA ARG A 327 -26.78 4.86 -8.69
C ARG A 327 -25.63 5.79 -9.03
N TYR A 328 -24.63 5.29 -9.73
CA TYR A 328 -23.60 6.19 -10.26
C TYR A 328 -24.08 7.31 -11.19
N VAL A 329 -24.95 6.97 -12.16
CA VAL A 329 -25.51 7.98 -13.06
C VAL A 329 -26.21 9.08 -12.29
N GLU A 330 -26.94 8.71 -11.25
CA GLU A 330 -27.59 9.70 -10.38
C GLU A 330 -26.54 10.67 -9.84
N GLN A 331 -25.38 10.16 -9.39
CA GLN A 331 -24.25 11.00 -8.94
C GLN A 331 -23.57 11.78 -10.07
N TYR A 332 -23.42 11.18 -11.24
CA TYR A 332 -22.98 11.96 -12.41
C TYR A 332 -23.86 13.17 -12.67
N ARG A 333 -25.18 12.96 -12.69
CA ARG A 333 -26.14 14.05 -12.89
C ARG A 333 -26.12 15.09 -11.78
N ARG A 334 -25.88 14.63 -10.55
CA ARG A 334 -25.70 15.54 -9.39
C ARG A 334 -24.56 16.51 -9.65
N LEU A 335 -23.43 15.98 -10.09
CA LEU A 335 -22.27 16.76 -10.46
C LEU A 335 -22.49 17.68 -11.67
N LEU A 336 -23.14 17.13 -12.72
CA LEU A 336 -23.45 17.90 -13.89
C LEU A 336 -24.36 19.12 -13.59
N ALA A 337 -25.28 18.97 -12.61
CA ALA A 337 -26.16 20.07 -12.20
C ALA A 337 -25.49 21.10 -11.32
N GLY A 338 -24.21 20.90 -11.02
CA GLY A 338 -23.42 21.86 -10.28
C GLY A 338 -23.29 21.64 -8.78
N ALA A 339 -23.71 20.48 -8.28
CA ALA A 339 -23.56 20.17 -6.85
C ALA A 339 -22.21 19.50 -6.59
N THR A 340 -21.71 19.64 -5.38
CA THR A 340 -20.43 19.10 -5.00
C THR A 340 -20.50 18.49 -3.59
N TRP A 341 -19.47 17.72 -3.25
CA TRP A 341 -19.33 17.16 -1.92
C TRP A 341 -17.88 16.78 -1.69
N LYS A 342 -17.57 16.55 -0.42
CA LYS A 342 -16.29 15.95 0.04
C LYS A 342 -16.65 15.02 1.24
N PRO B 3 13.41 18.14 30.72
CA PRO B 3 13.40 16.86 29.97
C PRO B 3 12.01 16.28 29.87
N LEU B 4 11.66 15.98 28.63
CA LEU B 4 10.37 15.48 28.25
C LEU B 4 10.33 13.97 28.36
N LYS B 5 9.12 13.44 28.55
CA LYS B 5 8.90 12.02 28.48
C LYS B 5 8.16 11.87 27.17
N VAL B 6 8.73 11.07 26.27
CA VAL B 6 8.21 10.98 24.91
C VAL B 6 7.89 9.52 24.61
N ALA B 7 6.64 9.26 24.20
CA ALA B 7 6.26 7.94 23.72
C ALA B 7 6.37 7.90 22.19
N LEU B 8 7.29 7.06 21.69
CA LEU B 8 7.59 6.90 20.29
C LEU B 8 6.86 5.70 19.83
N VAL B 9 5.93 5.88 18.90
CA VAL B 9 5.12 4.76 18.52
C VAL B 9 5.59 4.24 17.18
N ASN B 10 6.34 3.15 17.25
CA ASN B 10 6.75 2.44 16.04
C ASN B 10 5.52 1.85 15.35
N ILE B 11 5.58 1.72 14.02
CA ILE B 11 4.55 0.98 13.30
C ILE B 11 4.59 -0.50 13.74
N PRO B 12 3.53 -0.98 14.42
CA PRO B 12 3.48 -2.30 15.05
C PRO B 12 3.28 -3.42 13.98
N LEU B 13 4.31 -4.19 13.70
CA LEU B 13 4.33 -5.06 12.50
C LEU B 13 5.11 -6.31 12.85
N ARG B 14 4.51 -7.46 12.57
CA ARG B 14 5.15 -8.73 12.88
C ARG B 14 6.14 -9.12 11.81
N VAL B 15 7.19 -9.82 12.24
CA VAL B 15 8.18 -10.46 11.32
C VAL B 15 7.43 -11.36 10.32
N PRO B 16 7.75 -11.20 9.02
CA PRO B 16 7.07 -11.99 8.01
C PRO B 16 7.06 -13.49 8.38
N GLY B 17 5.88 -14.09 8.49
CA GLY B 17 5.79 -15.52 8.76
C GLY B 17 5.91 -15.95 10.24
N SER B 18 5.74 -14.99 11.15
CA SER B 18 6.16 -15.17 12.57
C SER B 18 5.24 -14.45 13.53
N ASP B 19 5.18 -14.94 14.76
CA ASP B 19 4.43 -14.27 15.82
C ASP B 19 5.16 -13.09 16.45
N ALA B 20 6.46 -13.01 16.18
CA ALA B 20 7.37 -12.02 16.74
C ALA B 20 7.14 -10.65 16.13
N TRP B 21 7.23 -9.60 16.95
CA TRP B 21 7.19 -8.23 16.48
C TRP B 21 8.55 -7.80 15.94
N ILE B 22 8.55 -7.12 14.79
CA ILE B 22 9.75 -6.52 14.28
C ILE B 22 10.26 -5.54 15.36
N SER B 23 11.57 -5.51 15.54
CA SER B 23 12.15 -4.63 16.55
C SER B 23 12.64 -3.28 16.00
N VAL B 24 13.01 -2.41 16.93
CA VAL B 24 13.63 -1.13 16.60
C VAL B 24 15.01 -1.12 17.27
N PRO B 25 16.13 -1.08 16.48
CA PRO B 25 16.22 -1.09 15.03
C PRO B 25 15.84 -2.51 14.59
N PRO B 26 15.43 -2.68 13.33
CA PRO B 26 14.88 -3.99 12.90
C PRO B 26 16.02 -4.99 12.60
N GLN B 27 15.79 -6.30 12.78
CA GLN B 27 16.82 -7.30 12.47
C GLN B 27 16.97 -7.49 10.97
N GLY B 28 15.86 -7.32 10.25
CA GLY B 28 15.89 -7.41 8.78
C GLY B 28 15.40 -6.11 8.15
N TYR B 29 14.50 -6.27 7.16
CA TYR B 29 14.05 -5.11 6.38
C TYR B 29 13.14 -4.27 7.27
N GLY B 30 13.29 -2.95 7.20
CA GLY B 30 12.34 -2.09 7.91
C GLY B 30 12.67 -0.62 7.95
N GLY B 31 12.21 0.12 6.95
CA GLY B 31 12.48 1.55 6.88
C GLY B 31 12.08 2.36 8.07
N ILE B 32 10.81 2.36 8.44
CA ILE B 32 10.27 3.18 9.53
C ILE B 32 10.95 2.84 10.84
N GLN B 33 11.26 1.55 11.00
CA GLN B 33 11.84 1.08 12.25
C GLN B 33 13.23 1.67 12.43
N TRP B 34 13.95 1.84 11.32
CA TRP B 34 15.25 2.54 11.33
C TRP B 34 15.09 4.04 11.60
N VAL B 35 14.09 4.65 11.00
CA VAL B 35 13.82 6.09 11.30
C VAL B 35 13.65 6.27 12.81
N VAL B 36 12.78 5.44 13.39
CA VAL B 36 12.51 5.43 14.84
C VAL B 36 13.79 5.23 15.68
N ALA B 37 14.64 4.24 15.33
CA ALA B 37 15.95 4.04 16.00
C ALA B 37 16.84 5.30 16.00
N ASN B 38 16.94 5.97 14.85
CA ASN B 38 17.82 7.10 14.71
C ASN B 38 17.24 8.30 15.46
N LEU B 39 15.93 8.47 15.38
CA LEU B 39 15.27 9.56 16.09
C LEU B 39 15.40 9.37 17.59
N MSE B 40 15.18 8.15 18.02
CA MSE B 40 15.28 7.76 19.41
C MSE B 40 16.65 8.11 19.99
O MSE B 40 16.76 8.66 21.08
CB MSE B 40 15.03 6.26 19.49
CG MSE B 40 15.17 5.67 20.83
SE MSE B 40 14.89 3.72 20.63
CE MSE B 40 16.70 3.15 20.18
N ASP B 41 17.71 7.73 19.28
CA ASP B 41 19.09 8.01 19.66
C ASP B 41 19.32 9.52 19.90
N GLY B 42 18.79 10.33 18.99
CA GLY B 42 18.84 11.79 19.09
C GLY B 42 18.12 12.28 20.34
N LEU B 43 16.88 11.84 20.55
CA LEU B 43 16.15 12.29 21.72
C LEU B 43 16.86 11.88 23.06
N LEU B 44 17.41 10.69 23.11
CA LEU B 44 18.11 10.24 24.34
C LEU B 44 19.39 11.05 24.56
N GLU B 45 20.08 11.37 23.45
CA GLU B 45 21.33 12.14 23.52
C GLU B 45 21.04 13.51 24.07
N LEU B 46 19.82 13.96 23.82
CA LEU B 46 19.36 15.29 24.24
C LEU B 46 18.86 15.30 25.68
N GLY B 47 18.85 14.15 26.34
CA GLY B 47 18.46 14.06 27.74
C GLY B 47 17.00 13.72 28.03
N HIS B 48 16.18 13.52 26.98
CA HIS B 48 14.77 13.14 27.17
C HIS B 48 14.58 11.65 27.43
N GLU B 49 13.47 11.30 28.05
CA GLU B 49 13.14 9.91 28.33
C GLU B 49 12.22 9.39 27.19
N VAL B 50 12.54 8.24 26.61
CA VAL B 50 11.81 7.66 25.50
C VAL B 50 11.19 6.34 25.99
N PHE B 51 9.87 6.19 25.75
CA PHE B 51 9.11 4.99 25.89
C PHE B 51 8.82 4.52 24.43
N LEU B 52 9.46 3.42 24.02
CA LEU B 52 9.23 2.79 22.72
C LEU B 52 8.00 1.92 22.73
N LEU B 53 7.01 2.26 21.91
CA LEU B 53 5.81 1.41 21.75
C LEU B 53 5.77 0.79 20.34
N GLY B 54 5.12 -0.38 20.22
CA GLY B 54 4.97 -1.04 18.92
C GLY B 54 6.23 -1.81 18.49
N ALA B 55 7.14 -2.08 19.43
CA ALA B 55 8.35 -2.92 19.15
C ALA B 55 8.82 -3.70 20.38
N PRO B 56 7.96 -4.57 20.96
CA PRO B 56 8.24 -5.07 22.32
C PRO B 56 9.51 -5.90 22.59
N GLY B 57 10.12 -6.48 21.58
CA GLY B 57 11.37 -7.21 21.89
C GLY B 57 12.66 -6.49 21.60
N SER B 58 12.60 -5.16 21.50
CA SER B 58 13.73 -4.36 21.03
C SER B 58 14.81 -4.29 22.09
N PRO B 59 16.08 -4.21 21.68
CA PRO B 59 17.18 -4.05 22.68
C PRO B 59 16.93 -2.84 23.61
N ALA B 60 17.15 -3.06 24.90
CA ALA B 60 16.86 -2.00 25.84
C ALA B 60 18.10 -1.60 26.61
N ARG B 62 19.94 0.82 27.33
CA ARG B 62 20.23 2.24 27.15
C ARG B 62 19.43 3.11 28.12
N PRO B 63 20.13 3.95 28.92
CA PRO B 63 19.45 4.67 29.97
C PRO B 63 18.55 5.75 29.36
N GLY B 64 17.38 5.97 29.95
CA GLY B 64 16.45 6.96 29.36
C GLY B 64 15.45 6.21 28.50
N LEU B 65 15.83 5.02 28.03
CA LEU B 65 14.99 4.20 27.18
C LEU B 65 14.22 3.07 27.92
N THR B 66 12.90 3.08 27.78
CA THR B 66 12.02 2.02 28.21
C THR B 66 11.32 1.43 27.01
N VAL B 67 11.47 0.13 26.82
CA VAL B 67 10.77 -0.60 25.77
C VAL B 67 9.55 -1.17 26.43
N VAL B 68 8.40 -0.64 26.01
CA VAL B 68 7.13 -1.02 26.55
C VAL B 68 6.65 -2.32 25.91
N PRO B 69 6.24 -3.30 26.73
CA PRO B 69 5.77 -4.54 26.13
C PRO B 69 4.35 -4.42 25.56
N ALA B 70 4.17 -3.61 24.53
CA ALA B 70 2.88 -3.48 23.85
C ALA B 70 3.15 -3.46 22.37
N GLY B 71 2.56 -4.46 21.73
CA GLY B 71 2.75 -4.69 20.33
C GLY B 71 1.48 -4.37 19.57
N GLU B 72 0.39 -5.07 19.91
CA GLU B 72 -0.93 -4.83 19.35
C GLU B 72 -1.39 -3.37 19.55
N PRO B 73 -1.99 -2.76 18.49
CA PRO B 73 -2.58 -1.44 18.57
C PRO B 73 -3.43 -1.25 19.84
N GLU B 74 -4.27 -2.24 20.16
CA GLU B 74 -5.09 -2.23 21.37
C GLU B 74 -4.28 -2.11 22.66
N GLU B 75 -3.18 -2.86 22.79
CA GLU B 75 -2.25 -2.76 23.94
C GLU B 75 -1.56 -1.39 23.97
N ILE B 76 -1.18 -0.90 22.80
CA ILE B 76 -0.54 0.39 22.69
C ILE B 76 -1.54 1.46 23.17
N GLU B 77 -2.77 1.42 22.62
CA GLU B 77 -3.83 2.37 23.03
C GLU B 77 -4.10 2.35 24.52
N ARG B 78 -4.23 1.14 25.07
CA ARG B 78 -4.47 0.99 26.50
C ARG B 78 -3.37 1.63 27.35
N TRP B 79 -2.13 1.31 27.03
CA TRP B 79 -0.98 1.88 27.67
C TRP B 79 -0.97 3.43 27.65
N LEU B 80 -1.28 4.01 26.47
CA LEU B 80 -1.23 5.46 26.25
C LEU B 80 -2.31 6.23 27.03
N ARG B 81 -3.42 5.58 27.31
CA ARG B 81 -4.54 6.20 28.01
C ARG B 81 -4.14 6.58 29.45
N THR B 82 -3.25 5.80 30.05
CA THR B 82 -2.89 6.07 31.43
C THR B 82 -1.43 6.49 31.61
N ALA B 83 -0.67 6.54 30.50
CA ALA B 83 0.78 6.86 30.54
C ALA B 83 1.02 8.30 30.99
N ASP B 84 2.01 8.49 31.84
CA ASP B 84 2.44 9.80 32.18
C ASP B 84 3.59 10.23 31.25
N VAL B 85 3.25 10.57 30.02
CA VAL B 85 4.24 11.13 29.10
C VAL B 85 3.81 12.51 28.68
N ASP B 86 4.75 13.31 28.21
CA ASP B 86 4.46 14.66 27.74
C ASP B 86 3.93 14.65 26.28
N VAL B 87 4.45 13.71 25.47
CA VAL B 87 4.25 13.72 24.03
C VAL B 87 4.03 12.31 23.52
N VAL B 88 3.00 12.13 22.69
CA VAL B 88 2.85 10.91 21.90
C VAL B 88 3.25 11.21 20.48
N HIS B 89 4.29 10.50 20.00
CA HIS B 89 4.88 10.69 18.69
C HIS B 89 4.68 9.41 17.83
N ASP B 90 3.66 9.48 16.97
CA ASP B 90 3.22 8.39 16.17
C ASP B 90 4.03 8.28 14.89
N HIS B 91 4.55 7.07 14.61
CA HIS B 91 5.15 6.77 13.30
C HIS B 91 4.38 5.70 12.53
N SER B 92 3.18 5.33 13.00
CA SER B 92 2.51 4.14 12.47
C SER B 92 1.53 4.47 11.34
N GLY B 93 1.33 5.77 11.10
CA GLY B 93 0.37 6.25 10.12
C GLY B 93 -1.04 6.30 10.67
N GLY B 94 -1.17 6.32 11.99
CA GLY B 94 -2.45 6.53 12.62
C GLY B 94 -3.14 5.27 13.06
N VAL B 95 -2.37 4.23 13.33
CA VAL B 95 -2.83 3.09 14.17
C VAL B 95 -3.42 3.59 15.50
N ILE B 96 -2.87 4.69 16.02
CA ILE B 96 -3.37 5.28 17.26
C ILE B 96 -3.58 6.74 16.97
N GLY B 97 -4.23 7.47 17.86
CA GLY B 97 -4.56 8.85 17.60
C GLY B 97 -4.60 9.66 18.87
N PRO B 98 -4.94 10.95 18.76
CA PRO B 98 -5.01 11.82 19.97
C PRO B 98 -6.14 11.47 20.96
N ALA B 99 -7.22 10.86 20.49
CA ALA B 99 -8.37 10.55 21.36
C ALA B 99 -7.99 9.58 22.46
N GLY B 100 -8.36 9.94 23.69
CA GLY B 100 -8.10 9.03 24.83
C GLY B 100 -6.87 9.36 25.65
N LEU B 101 -5.97 10.18 25.11
CA LEU B 101 -4.76 10.59 25.85
C LEU B 101 -5.12 11.47 27.06
N PRO B 102 -4.31 11.40 28.13
CA PRO B 102 -4.60 12.21 29.31
C PRO B 102 -4.50 13.70 29.02
N PRO B 103 -5.27 14.53 29.79
CA PRO B 103 -5.18 15.97 29.68
C PRO B 103 -3.73 16.39 29.69
N GLY B 104 -3.35 17.27 28.78
CA GLY B 104 -1.98 17.77 28.81
C GLY B 104 -0.96 17.03 27.90
N THR B 105 -1.23 15.80 27.50
CA THR B 105 -0.32 15.09 26.57
C THR B 105 -0.47 15.60 25.13
N ALA B 106 0.65 16.02 24.55
CA ALA B 106 0.73 16.41 23.14
C ALA B 106 0.75 15.19 22.21
N PHE B 107 0.15 15.36 21.02
CA PHE B 107 0.19 14.33 19.99
C PHE B 107 0.78 14.89 18.70
N ILE B 108 1.77 14.17 18.14
CA ILE B 108 2.49 14.59 16.97
C ILE B 108 2.75 13.31 16.13
N SER B 109 2.83 13.45 14.81
CA SER B 109 3.16 12.32 13.93
C SER B 109 4.31 12.66 13.04
N SER B 110 5.07 11.65 12.67
CA SER B 110 5.98 11.76 11.54
C SER B 110 5.30 10.87 10.47
N HIS B 111 4.74 11.49 9.44
CA HIS B 111 4.20 10.74 8.30
C HIS B 111 5.22 10.09 7.40
N HIS B 112 5.08 8.79 7.22
CA HIS B 112 5.99 8.06 6.36
C HIS B 112 5.35 7.47 5.09
N PHE B 113 4.19 7.98 4.74
CA PHE B 113 3.41 7.38 3.67
C PHE B 113 3.09 8.39 2.55
N THR B 114 2.63 7.93 1.41
CA THR B 114 2.29 8.78 0.26
C THR B 114 0.87 9.33 0.27
N THR B 115 0.02 8.90 1.22
CA THR B 115 -1.37 9.30 1.19
C THR B 115 -1.70 10.13 2.40
N ARG B 116 -2.76 10.95 2.31
CA ARG B 116 -3.09 11.88 3.38
C ARG B 116 -3.18 11.15 4.73
N PRO B 117 -2.49 11.71 5.75
CA PRO B 117 -2.53 11.08 7.07
C PRO B 117 -3.94 10.93 7.68
N VAL B 118 -4.15 9.83 8.36
CA VAL B 118 -5.32 9.65 9.23
C VAL B 118 -5.46 10.85 10.23
N ASN B 119 -4.31 11.29 10.76
CA ASN B 119 -4.25 12.41 11.72
C ASN B 119 -3.43 13.55 11.18
N PRO B 120 -4.03 14.44 10.33
CA PRO B 120 -3.24 15.61 9.87
C PRO B 120 -2.94 16.69 10.91
N VAL B 121 -3.72 16.76 11.99
CA VAL B 121 -3.43 17.73 13.05
C VAL B 121 -2.18 17.30 13.79
N GLY B 122 -1.18 18.15 13.82
CA GLY B 122 0.07 17.83 14.48
C GLY B 122 0.97 16.90 13.67
N CYS B 123 0.69 16.80 12.37
CA CYS B 123 1.51 15.93 11.51
C CYS B 123 2.70 16.66 10.93
N THR B 124 3.81 15.95 10.79
CA THR B 124 5.03 16.49 10.18
C THR B 124 5.32 15.61 9.00
N TYR B 125 6.04 16.18 8.03
CA TYR B 125 6.28 15.54 6.78
C TYR B 125 7.80 15.48 6.56
N SER B 126 8.27 14.36 5.98
CA SER B 126 9.67 14.17 5.76
C SER B 126 10.14 14.92 4.52
N SER B 127 9.20 15.32 3.63
CA SER B 127 9.55 16.17 2.49
C SER B 127 8.45 17.16 2.10
N ARG B 128 8.83 18.27 1.45
CA ARG B 128 7.87 19.20 0.80
C ARG B 128 6.99 18.50 -0.24
N ALA B 129 7.56 17.56 -1.00
CA ALA B 129 6.83 16.80 -2.02
C ALA B 129 5.74 15.97 -1.35
N GLN B 130 6.09 15.27 -0.28
CA GLN B 130 5.12 14.49 0.47
C GLN B 130 4.06 15.43 1.09
N ARG B 131 4.50 16.51 1.73
CA ARG B 131 3.55 17.40 2.38
C ARG B 131 2.51 17.88 1.36
N ALA B 132 2.98 18.31 0.17
CA ALA B 132 2.06 18.77 -0.91
C ALA B 132 1.14 17.68 -1.41
N HIS B 133 1.66 16.47 -1.65
CA HIS B 133 0.83 15.39 -2.17
C HIS B 133 -0.17 14.87 -1.13
N CYS B 134 0.17 15.03 0.14
CA CYS B 134 -0.80 14.69 1.21
C CYS B 134 -1.79 15.80 1.61
N GLY B 135 -1.62 16.98 1.06
CA GLY B 135 -2.50 18.10 1.43
C GLY B 135 -2.19 18.78 2.75
N GLY B 136 -0.95 18.63 3.23
CA GLY B 136 -0.50 19.30 4.47
C GLY B 136 -0.44 20.81 4.22
N GLY B 137 -0.87 21.62 5.21
CA GLY B 137 -0.80 23.12 5.11
C GLY B 137 0.63 23.60 5.23
N ASP B 138 0.90 24.88 4.91
CA ASP B 138 2.27 25.39 4.93
C ASP B 138 2.90 25.51 6.32
N ASP B 139 2.06 25.51 7.35
CA ASP B 139 2.51 25.58 8.70
C ASP B 139 2.81 24.19 9.31
N ALA B 140 2.66 23.10 8.54
CA ALA B 140 3.06 21.76 8.97
C ALA B 140 4.55 21.57 8.74
N PRO B 141 5.29 21.25 9.78
CA PRO B 141 6.73 21.21 9.65
C PRO B 141 7.16 20.15 8.64
N VAL B 142 8.27 20.39 7.98
CA VAL B 142 8.91 19.37 7.13
C VAL B 142 10.25 19.08 7.78
N ILE B 143 10.42 17.85 8.23
CA ILE B 143 11.62 17.48 8.93
C ILE B 143 12.08 16.17 8.26
N PRO B 144 13.26 16.18 7.65
CA PRO B 144 13.66 14.97 6.93
C PRO B 144 14.09 13.83 7.85
N ILE B 145 14.31 12.67 7.25
CA ILE B 145 14.70 11.49 7.98
C ILE B 145 16.09 11.67 8.61
N PRO B 146 16.21 11.36 9.92
CA PRO B 146 17.48 11.42 10.68
C PRO B 146 18.34 10.21 10.54
N VAL B 147 19.63 10.43 10.79
CA VAL B 147 20.56 9.33 10.74
C VAL B 147 21.57 9.59 11.87
N ASP B 148 21.77 8.58 12.72
CA ASP B 148 22.79 8.64 13.78
C ASP B 148 24.07 7.97 13.23
N PRO B 149 25.11 8.76 12.99
CA PRO B 149 26.38 8.21 12.47
C PRO B 149 26.95 7.08 13.32
N ALA B 150 26.72 7.06 14.64
CA ALA B 150 27.16 5.90 15.45
C ALA B 150 26.59 4.56 14.98
N ARG B 151 25.42 4.56 14.33
CA ARG B 151 24.79 3.32 13.87
C ARG B 151 25.36 2.78 12.56
N TYR B 152 26.20 3.58 11.89
CA TYR B 152 26.75 3.25 10.57
C TYR B 152 28.27 3.20 10.62
N ARG B 153 28.87 2.73 9.55
CA ARG B 153 30.33 2.71 9.42
C ARG B 153 30.90 4.11 9.27
N SER B 154 31.99 4.37 10.01
CA SER B 154 32.63 5.69 10.08
C SER B 154 33.79 5.72 9.13
N ALA B 155 34.36 6.91 8.90
CA ALA B 155 35.62 6.98 8.15
C ALA B 155 36.73 6.09 8.75
N ALA B 156 36.90 6.13 10.09
CA ALA B 156 37.91 5.34 10.77
C ALA B 156 37.77 3.81 10.65
N ASP B 157 36.54 3.31 10.41
CA ASP B 157 36.29 1.88 10.14
C ASP B 157 36.96 1.41 8.87
N GLN B 158 37.21 2.33 7.94
CA GLN B 158 38.08 2.02 6.82
C GLN B 158 37.55 0.82 6.01
N VAL B 159 36.24 0.79 5.80
CA VAL B 159 35.62 -0.23 4.93
C VAL B 159 36.12 0.02 3.48
N ALA B 160 36.75 -0.99 2.89
CA ALA B 160 37.29 -0.86 1.53
C ALA B 160 36.15 -0.66 0.51
N LYS B 161 36.37 0.27 -0.42
CA LYS B 161 35.42 0.56 -1.47
C LYS B 161 35.49 -0.52 -2.54
N GLU B 162 34.32 -0.84 -3.09
CA GLU B 162 34.25 -1.92 -4.07
C GLU B 162 33.62 -1.38 -5.29
N ASP B 163 33.53 -2.20 -6.32
CA ASP B 163 33.14 -1.65 -7.62
C ASP B 163 31.65 -1.66 -7.87
N PHE B 164 30.90 -2.38 -7.04
CA PHE B 164 29.46 -2.65 -7.35
C PHE B 164 28.61 -1.42 -7.00
N LEU B 165 27.44 -1.31 -7.63
CA LEU B 165 26.45 -0.29 -7.28
C LEU B 165 25.45 -0.98 -6.37
N LEU B 166 24.70 -0.24 -5.56
CA LEU B 166 23.88 -0.92 -4.51
C LEU B 166 22.45 -0.44 -4.53
N PHE B 167 21.51 -1.40 -4.57
CA PHE B 167 20.10 -1.02 -4.49
C PHE B 167 19.68 -1.67 -3.20
N MSE B 168 19.08 -0.92 -2.28
CA MSE B 168 18.68 -1.46 -1.01
C MSE B 168 17.27 -1.06 -0.68
O MSE B 168 16.96 0.16 -0.49
CB MSE B 168 19.67 -1.07 0.13
CG MSE B 168 19.54 -1.96 1.37
SE MSE B 168 20.72 -1.34 2.75
CE MSE B 168 22.11 -2.68 2.29
N GLY B 169 16.40 -2.07 -0.65
CA GLY B 169 14.98 -1.86 -0.42
C GLY B 169 14.22 -2.99 -1.09
N ARG B 170 12.90 -2.92 -1.03
CA ARG B 170 12.02 -3.91 -1.64
C ARG B 170 12.15 -3.88 -3.17
N VAL B 171 12.29 -5.06 -3.77
CA VAL B 171 12.37 -5.22 -5.22
C VAL B 171 10.96 -5.11 -5.82
N SER B 172 10.52 -3.88 -6.02
CA SER B 172 9.18 -3.58 -6.53
C SER B 172 9.27 -2.51 -7.58
N PRO B 173 8.38 -2.55 -8.58
CA PRO B 173 8.48 -1.65 -9.70
C PRO B 173 8.49 -0.16 -9.33
N HIS B 174 7.64 0.29 -8.39
CA HIS B 174 7.64 1.72 -8.04
C HIS B 174 8.97 2.10 -7.35
N LYS B 175 9.72 1.12 -6.83
CA LYS B 175 11.04 1.45 -6.24
C LYS B 175 12.16 1.52 -7.27
N GLY B 176 11.84 1.14 -8.52
CA GLY B 176 12.74 1.29 -9.62
C GLY B 176 13.89 0.30 -9.64
N ALA B 177 13.67 -0.93 -9.18
CA ALA B 177 14.77 -1.93 -9.18
C ALA B 177 15.26 -2.24 -10.59
N LEU B 178 14.32 -2.33 -11.53
CA LEU B 178 14.65 -2.55 -12.92
C LEU B 178 15.45 -1.41 -13.49
N GLU B 179 15.06 -0.17 -13.16
CA GLU B 179 15.77 1.04 -13.63
C GLU B 179 17.18 1.19 -13.03
N ALA B 180 17.33 0.80 -11.77
CA ALA B 180 18.64 0.71 -11.15
C ALA B 180 19.56 -0.31 -11.89
N ALA B 181 18.98 -1.44 -12.30
CA ALA B 181 19.71 -2.44 -13.08
C ALA B 181 20.09 -1.88 -14.46
N ALA B 182 19.15 -1.22 -15.13
CA ALA B 182 19.41 -0.56 -16.40
C ALA B 182 20.52 0.52 -16.22
N PHE B 183 20.47 1.29 -15.12
CA PHE B 183 21.53 2.29 -14.87
C PHE B 183 22.89 1.64 -14.64
N ALA B 184 22.93 0.63 -13.76
CA ALA B 184 24.17 -0.14 -13.53
C ALA B 184 24.72 -0.73 -14.82
N HIS B 185 23.83 -1.27 -15.65
CA HIS B 185 24.25 -1.88 -16.93
C HIS B 185 24.86 -0.82 -17.88
N ALA B 186 24.27 0.38 -17.92
CA ALA B 186 24.81 1.49 -18.68
C ALA B 186 26.20 1.92 -18.23
N CYS B 187 26.48 1.83 -16.93
CA CYS B 187 27.79 2.10 -16.36
C CYS B 187 28.77 0.94 -16.54
N GLY B 188 28.30 -0.24 -16.94
CA GLY B 188 29.17 -1.43 -17.03
C GLY B 188 29.55 -1.92 -15.63
N ARG B 189 28.65 -1.69 -14.67
CA ARG B 189 28.90 -2.07 -13.29
C ARG B 189 27.92 -3.15 -12.80
N ARG B 190 28.34 -3.95 -11.82
CA ARG B 190 27.46 -4.90 -11.14
C ARG B 190 26.50 -4.14 -10.23
N LEU B 191 25.29 -4.66 -10.12
CA LEU B 191 24.33 -4.16 -9.16
C LEU B 191 23.97 -5.21 -8.13
N VAL B 192 24.29 -4.95 -6.86
CA VAL B 192 23.76 -5.77 -5.75
C VAL B 192 22.35 -5.30 -5.43
N LEU B 193 21.44 -6.26 -5.40
CA LEU B 193 20.05 -6.00 -5.18
C LEU B 193 19.80 -6.55 -3.81
N ALA B 194 19.86 -5.68 -2.80
CA ALA B 194 19.74 -6.14 -1.41
C ALA B 194 18.39 -5.77 -0.87
N GLY B 195 17.55 -6.74 -0.63
CA GLY B 195 16.26 -6.44 -0.09
C GLY B 195 15.29 -7.55 -0.39
N PRO B 196 14.14 -7.51 0.27
CA PRO B 196 13.14 -8.55 0.01
C PRO B 196 12.59 -8.41 -1.45
N ALA B 197 12.46 -9.55 -2.13
CA ALA B 197 11.89 -9.57 -3.45
C ALA B 197 10.55 -10.34 -3.40
N TRP B 198 9.46 -9.63 -3.16
CA TRP B 198 8.11 -10.24 -3.06
C TRP B 198 7.24 -10.00 -4.31
N GLU B 199 7.90 -9.85 -5.44
CA GLU B 199 7.23 -9.73 -6.73
C GLU B 199 8.02 -10.55 -7.73
N PRO B 200 7.71 -11.85 -7.82
CA PRO B 200 8.59 -12.79 -8.53
C PRO B 200 8.62 -12.56 -10.01
N GLU B 201 7.49 -12.17 -10.62
CA GLU B 201 7.51 -12.05 -12.07
C GLU B 201 8.33 -10.80 -12.44
N TYR B 202 8.29 -9.79 -11.56
CA TYR B 202 9.12 -8.58 -11.73
C TYR B 202 10.56 -8.84 -11.52
N PHE B 203 10.86 -9.54 -10.43
CA PHE B 203 12.16 -10.13 -10.18
C PHE B 203 12.71 -10.88 -11.41
N ASP B 204 11.89 -11.77 -11.95
CA ASP B 204 12.28 -12.55 -13.15
C ASP B 204 12.54 -11.71 -14.40
N GLU B 205 11.78 -10.63 -14.56
CA GLU B 205 11.99 -9.70 -15.69
C GLU B 205 13.35 -8.97 -15.57
N ILE B 206 13.71 -8.59 -14.35
CA ILE B 206 15.02 -8.00 -14.07
C ILE B 206 16.15 -8.96 -14.45
N THR B 207 16.01 -10.21 -14.06
CA THR B 207 17.12 -11.16 -14.25
C THR B 207 17.15 -11.54 -15.71
N ARG B 208 15.97 -11.63 -16.32
CA ARG B 208 15.86 -11.80 -17.76
C ARG B 208 16.56 -10.68 -18.53
N ARG B 209 16.26 -9.42 -18.19
CA ARG B 209 16.80 -8.31 -18.94
C ARG B 209 18.25 -7.95 -18.55
N TYR B 210 18.61 -8.14 -17.27
CA TYR B 210 19.89 -7.62 -16.77
C TYR B 210 20.64 -8.59 -15.88
N GLY B 211 20.53 -9.88 -16.17
CA GLY B 211 21.05 -10.96 -15.29
C GLY B 211 22.54 -10.92 -15.09
N SER B 212 23.26 -10.52 -16.13
CA SER B 212 24.70 -10.33 -16.01
C SER B 212 25.10 -9.08 -15.18
N THR B 213 24.16 -8.17 -14.98
CA THR B 213 24.43 -7.00 -14.13
C THR B 213 24.06 -7.30 -12.69
N VAL B 214 22.90 -7.92 -12.47
CA VAL B 214 22.32 -7.98 -11.16
C VAL B 214 22.85 -9.13 -10.33
N GLU B 215 23.14 -8.81 -9.07
CA GLU B 215 23.45 -9.80 -8.04
C GLU B 215 22.41 -9.72 -6.93
N PRO B 216 21.28 -10.46 -7.07
CA PRO B 216 20.23 -10.34 -6.02
C PRO B 216 20.55 -11.19 -4.79
N ILE B 217 20.48 -10.60 -3.60
CA ILE B 217 20.91 -11.35 -2.41
C ILE B 217 19.83 -11.55 -1.33
N GLY B 218 18.60 -11.12 -1.63
CA GLY B 218 17.50 -11.15 -0.67
C GLY B 218 17.62 -10.11 0.44
N GLU B 219 16.74 -10.23 1.44
CA GLU B 219 16.72 -9.34 2.60
C GLU B 219 18.08 -9.34 3.31
N VAL B 220 18.49 -8.16 3.77
CA VAL B 220 19.75 -8.01 4.49
C VAL B 220 19.51 -7.29 5.82
N GLY B 221 20.46 -7.40 6.73
CA GLY B 221 20.30 -6.77 8.01
C GLY B 221 21.60 -6.84 8.75
N GLY B 222 21.59 -6.29 9.95
CA GLY B 222 22.74 -6.36 10.82
C GLY B 222 24.00 -5.83 10.22
N GLU B 223 25.10 -6.52 10.55
CA GLU B 223 26.43 -6.13 10.13
C GLU B 223 26.68 -6.12 8.62
N ARG B 224 26.24 -7.13 7.89
CA ARG B 224 26.37 -7.10 6.40
C ARG B 224 25.76 -5.86 5.77
N ARG B 225 24.54 -5.56 6.21
CA ARG B 225 23.81 -4.42 5.75
C ARG B 225 24.67 -3.15 5.86
N LEU B 226 25.29 -2.95 7.02
CA LEU B 226 26.18 -1.82 7.29
C LEU B 226 27.41 -1.77 6.42
N ASP B 227 28.05 -2.92 6.25
CA ASP B 227 29.13 -3.10 5.31
C ASP B 227 28.79 -2.79 3.86
N LEU B 228 27.61 -3.22 3.40
CA LEU B 228 27.17 -2.94 2.01
C LEU B 228 27.00 -1.45 1.74
N LEU B 229 26.37 -0.77 2.71
CA LEU B 229 26.16 0.65 2.64
C LEU B 229 27.46 1.37 2.45
N ALA B 230 28.49 0.93 3.18
CA ALA B 230 29.77 1.61 3.19
C ALA B 230 30.72 1.22 2.01
N SER B 231 30.72 -0.06 1.59
CA SER B 231 31.63 -0.52 0.52
C SER B 231 31.13 -0.20 -0.89
N ALA B 232 29.82 -0.03 -1.06
CA ALA B 232 29.33 0.25 -2.40
C ALA B 232 29.99 1.45 -3.06
N HIS B 233 30.07 1.44 -4.38
CA HIS B 233 30.58 2.57 -5.10
C HIS B 233 29.50 3.70 -5.08
N ALA B 234 28.22 3.33 -5.24
CA ALA B 234 27.15 4.32 -5.13
C ALA B 234 25.89 3.58 -4.78
N VAL B 235 24.94 4.27 -4.17
CA VAL B 235 23.63 3.70 -3.97
C VAL B 235 22.69 4.31 -4.99
N LEU B 236 21.81 3.47 -5.50
CA LEU B 236 20.82 3.87 -6.50
C LEU B 236 19.46 3.83 -5.87
N ALA B 237 18.90 5.03 -5.74
CA ALA B 237 17.57 5.28 -5.22
C ALA B 237 16.67 5.66 -6.43
N MSE B 238 15.99 4.68 -7.03
CA MSE B 238 15.39 4.90 -8.38
C MSE B 238 13.87 4.85 -8.41
O MSE B 238 13.28 4.42 -9.41
CB MSE B 238 15.94 3.89 -9.37
CG MSE B 238 17.49 3.76 -9.32
SE MSE B 238 18.35 5.42 -9.98
CE MSE B 238 17.96 5.16 -11.91
N SER B 239 13.24 5.40 -7.36
CA SER B 239 11.78 5.38 -7.27
C SER B 239 11.24 6.01 -8.52
N GLN B 240 10.15 5.43 -9.03
CA GLN B 240 9.55 5.83 -10.31
C GLN B 240 8.15 6.45 -10.12
N ALA B 241 7.72 7.33 -11.02
CA ALA B 241 6.42 7.98 -10.84
C ALA B 241 5.42 7.16 -11.63
N VAL B 242 5.07 6.03 -11.02
CA VAL B 242 4.20 5.06 -11.60
C VAL B 242 3.06 4.86 -10.62
N THR B 243 2.03 4.15 -11.08
CA THR B 243 0.92 3.75 -10.24
C THR B 243 1.42 3.08 -8.97
N GLY B 244 1.13 3.74 -7.85
CA GLY B 244 1.55 3.27 -6.53
C GLY B 244 0.83 1.99 -6.13
N PRO B 245 1.30 1.37 -5.05
CA PRO B 245 0.64 0.24 -4.39
C PRO B 245 -0.81 0.53 -3.89
N TRP B 246 -1.08 1.78 -3.50
CA TRP B 246 -2.46 2.22 -3.29
C TRP B 246 -2.90 3.20 -4.38
N GLY B 247 -3.43 4.34 -3.99
CA GLY B 247 -3.28 5.59 -4.73
C GLY B 247 -2.56 5.55 -6.07
N GLY B 248 -1.25 5.80 -6.06
CA GLY B 248 -0.57 6.01 -7.34
C GLY B 248 -1.15 7.35 -7.68
N ILE B 249 -0.38 8.27 -8.27
CA ILE B 249 1.00 8.09 -8.67
C ILE B 249 2.00 8.08 -7.48
N TRP B 250 2.98 7.17 -7.52
CA TRP B 250 4.01 7.08 -6.47
C TRP B 250 4.83 8.38 -6.30
N CYS B 251 5.05 8.73 -5.06
CA CYS B 251 5.83 9.95 -4.72
C CYS B 251 6.59 9.65 -3.43
N GLU B 252 7.87 9.30 -3.58
CA GLU B 252 8.78 8.86 -2.48
C GLU B 252 8.72 9.88 -1.33
N PRO B 253 8.20 9.46 -0.15
CA PRO B 253 8.06 10.28 1.10
C PRO B 253 9.34 10.83 1.78
N GLY B 254 10.34 9.95 1.96
CA GLY B 254 11.50 10.33 2.76
C GLY B 254 12.81 9.68 2.39
N ALA B 255 12.72 8.45 1.86
CA ALA B 255 13.84 7.66 1.32
C ALA B 255 14.98 7.55 2.30
N THR B 256 14.81 6.71 3.29
CA THR B 256 15.81 6.46 4.32
C THR B 256 17.16 6.03 3.74
N VAL B 257 17.15 5.40 2.56
CA VAL B 257 18.41 4.85 2.04
C VAL B 257 19.43 5.94 1.71
N VAL B 258 18.92 7.14 1.44
CA VAL B 258 19.77 8.23 0.98
C VAL B 258 20.68 8.68 2.13
N SER B 259 20.06 8.90 3.30
CA SER B 259 20.80 9.35 4.51
C SER B 259 21.75 8.27 4.99
N GLU B 260 21.22 7.04 5.01
CA GLU B 260 22.04 5.83 5.31
C GLU B 260 23.27 5.67 4.41
N ALA B 261 23.05 5.70 3.11
CA ALA B 261 24.16 5.69 2.16
C ALA B 261 25.18 6.78 2.49
N ALA B 262 24.71 8.01 2.55
CA ALA B 262 25.66 9.16 2.67
C ALA B 262 26.45 9.18 4.00
N VAL B 263 25.77 8.85 5.09
CA VAL B 263 26.43 8.83 6.39
C VAL B 263 27.43 7.64 6.43
N SER B 264 27.20 6.64 5.59
CA SER B 264 28.14 5.51 5.46
C SER B 264 29.26 5.82 4.47
N GLY B 265 29.32 7.06 3.95
CA GLY B 265 30.41 7.44 3.04
C GLY B 265 30.16 7.11 1.58
N THR B 266 28.88 6.99 1.20
CA THR B 266 28.53 6.50 -0.12
C THR B 266 27.58 7.50 -0.80
N PRO B 267 27.97 8.00 -2.00
CA PRO B 267 27.14 8.98 -2.69
C PRO B 267 25.90 8.30 -3.33
N VAL B 268 24.94 9.12 -3.74
CA VAL B 268 23.68 8.54 -4.25
C VAL B 268 23.42 8.99 -5.67
N VAL B 269 23.11 8.03 -6.56
CA VAL B 269 22.39 8.32 -7.83
C VAL B 269 20.86 8.08 -7.65
N GLY B 270 20.02 9.08 -7.93
CA GLY B 270 18.62 8.93 -7.67
C GLY B 270 17.81 9.50 -8.80
N THR B 271 16.53 9.12 -8.86
CA THR B 271 15.62 9.86 -9.69
C THR B 271 15.21 11.16 -8.95
N GLY B 272 14.29 11.91 -9.53
CA GLY B 272 13.79 13.11 -8.88
C GLY B 272 12.40 12.84 -8.30
N ASN B 273 12.04 11.57 -8.18
CA ASN B 273 10.75 11.20 -7.56
C ASN B 273 10.56 11.71 -6.12
N GLY B 274 9.45 12.43 -5.86
CA GLY B 274 9.14 12.87 -4.53
C GLY B 274 10.28 13.55 -3.77
N CYS B 275 10.54 13.11 -2.56
CA CYS B 275 11.65 13.61 -1.77
C CYS B 275 13.04 13.50 -2.43
N LEU B 276 13.20 12.55 -3.36
CA LEU B 276 14.52 12.40 -3.96
C LEU B 276 14.99 13.71 -4.61
N ALA B 277 14.07 14.47 -5.17
CA ALA B 277 14.45 15.78 -5.76
C ALA B 277 15.15 16.75 -4.78
N GLU B 278 14.71 16.69 -3.51
CA GLU B 278 15.11 17.56 -2.44
C GLU B 278 16.38 17.08 -1.74
N ILE B 279 16.64 15.77 -1.75
CA ILE B 279 17.74 15.28 -0.91
C ILE B 279 18.89 14.70 -1.68
N VAL B 280 18.61 14.09 -2.84
CA VAL B 280 19.69 13.48 -3.63
C VAL B 280 20.82 14.46 -4.07
N PRO B 281 20.46 15.68 -4.54
CA PRO B 281 21.52 16.61 -5.02
C PRO B 281 22.50 16.97 -3.92
N SER B 282 22.08 16.86 -2.67
CA SER B 282 22.99 17.13 -1.56
C SER B 282 24.17 16.13 -1.48
N VAL B 283 23.95 14.90 -1.99
CA VAL B 283 24.84 13.78 -1.76
C VAL B 283 25.08 12.94 -3.03
N GLY B 284 24.80 13.54 -4.18
CA GLY B 284 24.93 12.83 -5.44
C GLY B 284 24.22 13.58 -6.56
N GLU B 285 23.60 12.84 -7.48
CA GLU B 285 23.02 13.44 -8.69
C GLU B 285 21.70 12.77 -9.05
N VAL B 286 20.75 13.58 -9.56
CA VAL B 286 19.43 13.14 -9.99
C VAL B 286 19.51 12.78 -11.47
N VAL B 287 18.89 11.69 -11.84
CA VAL B 287 18.89 11.27 -13.25
C VAL B 287 17.44 11.08 -13.64
N GLY B 288 17.21 10.77 -14.92
CA GLY B 288 15.89 10.60 -15.48
C GLY B 288 15.15 9.34 -15.03
N TYR B 289 13.83 9.36 -15.26
CA TYR B 289 13.00 8.19 -15.14
C TYR B 289 13.29 7.19 -16.28
N GLY B 290 12.91 5.92 -16.07
CA GLY B 290 12.96 4.89 -17.11
C GLY B 290 14.27 4.13 -17.18
N THR B 291 14.42 3.31 -18.21
CA THR B 291 15.60 2.41 -18.39
C THR B 291 16.57 2.81 -19.51
N ASP B 292 16.26 3.89 -20.21
CA ASP B 292 17.05 4.20 -21.37
C ASP B 292 18.22 5.18 -21.06
N PHE B 293 19.26 4.66 -20.40
CA PHE B 293 20.43 5.45 -20.03
C PHE B 293 21.54 5.34 -21.08
N ALA B 294 21.96 6.51 -21.60
CA ALA B 294 23.14 6.59 -22.44
C ALA B 294 24.36 6.28 -21.55
N PRO B 295 25.14 5.23 -21.94
CA PRO B 295 26.26 4.76 -21.16
C PRO B 295 27.29 5.84 -20.82
N ASP B 296 27.68 6.65 -21.80
CA ASP B 296 28.66 7.70 -21.59
C ASP B 296 28.19 8.73 -20.53
N GLU B 297 26.91 9.09 -20.62
CA GLU B 297 26.29 9.99 -19.64
C GLU B 297 26.23 9.36 -18.25
N ALA B 298 25.92 8.06 -18.19
CA ALA B 298 25.79 7.32 -16.95
C ALA B 298 27.12 7.29 -16.22
N ARG B 299 28.19 6.99 -16.98
CA ARG B 299 29.56 7.01 -16.49
C ARG B 299 29.98 8.41 -16.03
N ARG B 300 29.62 9.44 -16.79
CA ARG B 300 29.93 10.80 -16.41
C ARG B 300 29.22 11.18 -15.09
N THR B 301 28.00 10.69 -14.91
CA THR B 301 27.29 10.90 -13.65
C THR B 301 28.02 10.25 -12.50
N LEU B 302 28.36 8.97 -12.65
CA LEU B 302 29.08 8.26 -11.60
C LEU B 302 30.32 9.02 -11.17
N ALA B 303 31.13 9.38 -12.17
CA ALA B 303 32.41 10.05 -12.00
C ALA B 303 32.33 11.44 -11.37
N GLY B 304 31.24 12.15 -11.58
CA GLY B 304 31.08 13.40 -10.88
C GLY B 304 30.57 13.30 -9.44
N LEU B 305 30.34 12.08 -8.94
CA LEU B 305 29.71 11.96 -7.59
C LEU B 305 30.65 12.51 -6.51
N PRO B 306 30.09 13.14 -5.46
CA PRO B 306 30.98 13.58 -4.36
C PRO B 306 31.66 12.38 -3.67
N ALA B 307 32.78 12.63 -2.96
CA ALA B 307 33.57 11.63 -2.25
C ALA B 307 32.95 11.31 -0.89
N SER B 308 33.42 10.22 -0.26
CA SER B 308 33.03 9.80 1.12
C SER B 308 32.93 10.89 2.20
N ASP B 309 33.97 11.70 2.32
CA ASP B 309 34.01 12.72 3.34
C ASP B 309 32.93 13.76 3.10
N GLU B 310 32.72 14.11 1.83
CA GLU B 310 31.76 15.13 1.51
C GLU B 310 30.31 14.68 1.73
N VAL B 311 29.98 13.45 1.34
CA VAL B 311 28.58 12.96 1.62
C VAL B 311 28.31 12.73 3.13
N ARG B 312 29.31 12.25 3.87
CA ARG B 312 29.22 12.02 5.33
C ARG B 312 29.00 13.37 6.05
N ARG B 313 29.73 14.39 5.65
CA ARG B 313 29.55 15.73 6.20
C ARG B 313 28.14 16.29 5.94
N ALA B 314 27.73 16.28 4.67
CA ALA B 314 26.37 16.68 4.30
C ALA B 314 25.31 15.90 5.05
N ALA B 315 25.44 14.56 5.10
CA ALA B 315 24.51 13.74 5.90
C ALA B 315 24.39 14.18 7.32
N VAL B 316 25.52 14.46 7.97
CA VAL B 316 25.45 14.84 9.36
C VAL B 316 24.86 16.26 9.46
N ARG B 317 25.27 17.19 8.58
CA ARG B 317 24.83 18.62 8.70
C ARG B 317 23.32 18.72 8.54
N LEU B 318 22.79 18.00 7.55
CA LEU B 318 21.39 18.07 7.17
C LEU B 318 20.46 17.11 7.94
N TRP B 319 20.95 15.91 8.26
CA TRP B 319 20.08 14.82 8.75
C TRP B 319 20.55 14.20 10.05
N GLY B 320 21.57 14.80 10.65
CA GLY B 320 22.14 14.25 11.89
C GLY B 320 21.07 14.07 12.95
N HIS B 321 21.16 12.95 13.65
CA HIS B 321 20.15 12.56 14.59
C HIS B 321 19.86 13.60 15.68
N VAL B 322 20.89 14.34 16.09
CA VAL B 322 20.76 15.29 17.18
C VAL B 322 20.12 16.53 16.62
N THR B 323 20.60 17.03 15.51
CA THR B 323 19.95 18.15 14.86
C THR B 323 18.48 17.86 14.54
N ILE B 324 18.18 16.69 14.00
CA ILE B 324 16.76 16.33 13.73
C ILE B 324 15.90 16.15 14.98
N ALA B 325 16.41 15.43 15.99
CA ALA B 325 15.66 15.30 17.25
C ALA B 325 15.30 16.68 17.80
N GLU B 326 16.27 17.58 17.74
CA GLU B 326 16.14 18.94 18.27
C GLU B 326 15.06 19.73 17.52
N ARG B 327 14.97 19.51 16.20
CA ARG B 327 13.86 20.02 15.45
C ARG B 327 12.53 19.46 15.89
N TYR B 328 12.47 18.15 16.10
CA TYR B 328 11.26 17.57 16.70
C TYR B 328 10.92 18.08 18.11
N VAL B 329 11.90 18.22 19.01
CA VAL B 329 11.52 18.76 20.32
C VAL B 329 10.99 20.20 20.27
N GLU B 330 11.53 21.03 19.39
CA GLU B 330 10.93 22.34 19.13
C GLU B 330 9.41 22.23 18.78
N GLN B 331 9.04 21.23 17.95
CA GLN B 331 7.64 20.97 17.57
C GLN B 331 6.81 20.38 18.73
N TYR B 332 7.42 19.51 19.54
CA TYR B 332 6.77 19.09 20.79
C TYR B 332 6.41 20.29 21.67
N ARG B 333 7.35 21.20 21.83
CA ARG B 333 7.16 22.41 22.69
C ARG B 333 6.13 23.39 22.12
N ARG B 334 6.09 23.54 20.79
CA ARG B 334 5.01 24.24 20.07
C ARG B 334 3.66 23.67 20.48
N LEU B 335 3.49 22.36 20.41
CA LEU B 335 2.23 21.69 20.75
C LEU B 335 1.98 21.83 22.24
N LEU B 336 3.00 21.60 23.06
CA LEU B 336 2.81 21.78 24.49
C LEU B 336 2.37 23.20 24.94
N ALA B 337 2.83 24.24 24.24
CA ALA B 337 2.40 25.65 24.51
C ALA B 337 1.01 26.00 23.96
N GLY B 338 0.34 25.02 23.35
CA GLY B 338 -1.00 25.22 22.84
C GLY B 338 -1.17 25.65 21.38
N ALA B 339 -0.08 25.69 20.63
CA ALA B 339 -0.22 25.94 19.19
C ALA B 339 -0.61 24.63 18.48
N THR B 340 -1.27 24.78 17.34
CA THR B 340 -1.68 23.73 16.45
C THR B 340 -1.39 24.01 14.96
N TRP B 341 -1.58 23.00 14.15
CA TRP B 341 -1.43 23.06 12.72
C TRP B 341 -2.01 21.82 12.07
N LYS B 342 -2.36 21.99 10.81
CA LYS B 342 -2.52 20.90 9.91
C LYS B 342 -2.15 21.26 8.48
O1 MES C . -2.87 -14.87 -15.65
C2 MES C . -3.69 -15.33 -16.73
C3 MES C . -3.70 -16.86 -16.81
N4 MES C . -4.33 -17.31 -15.56
C5 MES C . -4.14 -16.55 -14.31
C6 MES C . -2.91 -15.65 -14.44
C7 MES C . -5.20 -18.50 -15.61
C8 MES C . -4.66 -19.63 -14.74
S MES C . -5.87 -20.70 -14.21
O1S MES C . -5.25 -21.77 -13.41
O2S MES C . -6.86 -19.91 -13.42
O3S MES C . -6.60 -21.33 -15.32
S SO4 D . 11.97 0.67 0.60
O1 SO4 D . 11.00 1.77 0.50
O2 SO4 D . 12.13 0.32 2.02
O3 SO4 D . 11.45 -0.48 -0.14
O4 SO4 D . 13.28 1.08 0.10
S SO4 E . -9.21 16.50 7.31
O1 SO4 E . -8.53 17.66 7.88
O2 SO4 E . -8.70 15.26 7.89
O3 SO4 E . -10.64 16.53 7.62
O4 SO4 E . -9.02 16.55 5.86
O1 MES F . 16.31 -11.04 8.76
C2 MES F . 16.80 -10.94 7.41
C3 MES F . 18.18 -10.30 7.32
N4 MES F . 19.07 -11.09 8.17
C5 MES F . 18.56 -11.83 9.31
C6 MES F . 17.31 -11.10 9.79
C7 MES F . 20.52 -11.11 7.93
C8 MES F . 20.77 -11.43 6.46
S MES F . 22.29 -10.92 5.94
O1S MES F . 22.69 -11.67 4.75
O2S MES F . 22.12 -9.48 5.69
O3S MES F . 23.36 -11.07 6.97
#